data_4FNL
#
_entry.id   4FNL
#
_cell.length_a   160.130
_cell.length_b   160.130
_cell.length_c   135.520
_cell.angle_alpha   90.00
_cell.angle_beta   90.00
_cell.angle_gamma   90.00
#
_symmetry.space_group_name_H-M   'P 41 21 2'
#
loop_
_entity.id
_entity.type
_entity.pdbx_description
1 polymer 'Antibody C05, Heavy Chain'
2 polymer 'Antibody C05, Light Chain'
3 non-polymer 2-AMINO-2-HYDROXYMETHYL-PROPANE-1,3-DIOL
4 water water
#
loop_
_entity_poly.entity_id
_entity_poly.type
_entity_poly.pdbx_seq_one_letter_code
_entity_poly.pdbx_strand_id
1 'polypeptide(L)'
;(PCA)VQLQESGGGLVQPGESLRLSCVGSGSSFGESTLSYYAVSWVRQAPGKGLEWLSIINAGGGDIDYADSVEGRFTIS
RDNSKETLYLQMTNLRVEDTGVYYCAKHMSMQQVVSAGWERADLVGDAFDVWGQGTMVTVSSASTKGPSVFPLAPSSKST
SGGTAALGCLVKDYFPEPVTVSWNSGALTSGVHTFPAVLQSSGLYSLSSVVTVPSSSLGTQTYICNVNHKPSNTKVDKRV
EPKSCHHHHHH
;
H,I
2 'polypeptide(L)'
;DIQLTQSPSSLSASVGDRVTLTCQASQDIRKFLNWYQQKPGKGPKLLIYDASNLQRGVPSRFSGGGSGTDFTLIISSLQP
EDVGTYYCQQYDGLPFTFGGGTKVVIKRTVAAPSVFIFPPSDEQLKSGTASVVCLLNNFYPREAKVQWKVDNALQSGNSQ
ESVTEQDSKDSTYSLSSTLTLSKADYEKHKVYACEVTHQGLSSPVTKSFNRGEC
;
L,M
#
loop_
_chem_comp.id
_chem_comp.type
_chem_comp.name
_chem_comp.formula
TRS non-polymer 2-AMINO-2-HYDROXYMETHYL-PROPANE-1,3-DIOL 'C4 H12 N O3 1'
#
# COMPACT_ATOMS: atom_id res chain seq x y z
N PCA A 1 -1.49 1.32 9.42
CA PCA A 1 -2.38 2.50 9.14
CB PCA A 1 -2.17 3.01 7.72
CG PCA A 1 -1.07 2.16 7.10
CD PCA A 1 -0.74 1.17 8.18
OE PCA A 1 0.12 0.30 8.01
C PCA A 1 -3.86 2.17 9.28
O PCA A 1 -4.28 1.02 9.12
N VAL A 2 -4.64 3.19 9.61
CA VAL A 2 -6.08 3.07 9.66
C VAL A 2 -6.60 2.88 8.25
N GLN A 3 -7.65 2.08 8.11
CA GLN A 3 -8.29 1.87 6.82
C GLN A 3 -9.76 2.22 6.89
N LEU A 4 -10.30 2.73 5.79
CA LEU A 4 -11.69 3.16 5.76
C LEU A 4 -12.43 2.43 4.66
N GLN A 5 -13.71 2.19 4.89
CA GLN A 5 -14.56 1.59 3.88
C GLN A 5 -15.98 2.13 4.00
N GLU A 6 -16.42 2.85 2.97
CA GLU A 6 -17.75 3.45 2.96
C GLU A 6 -18.77 2.45 2.45
N SER A 7 -20.02 2.67 2.82
CA SER A 7 -21.13 1.89 2.26
C SER A 7 -22.44 2.68 2.38
N GLY A 8 -23.49 2.18 1.75
CA GLY A 8 -24.81 2.75 1.91
C GLY A 8 -25.31 3.50 0.68
N GLY A 9 -24.42 3.67 -0.30
CA GLY A 9 -24.74 4.38 -1.52
C GLY A 9 -25.76 3.61 -2.34
N GLY A 10 -26.45 4.32 -3.22
CA GLY A 10 -27.41 3.68 -4.12
C GLY A 10 -28.20 4.70 -4.91
N LEU A 11 -29.23 4.22 -5.60
CA LEU A 11 -30.09 5.09 -6.38
C LEU A 11 -31.29 5.51 -5.52
N VAL A 12 -31.57 6.80 -5.49
CA VAL A 12 -32.73 7.32 -4.75
C VAL A 12 -33.44 8.44 -5.49
N GLN A 13 -34.73 8.60 -5.22
CA GLN A 13 -35.51 9.66 -5.84
C GLN A 13 -35.12 10.99 -5.24
N PRO A 14 -35.25 12.07 -6.04
CA PRO A 14 -35.03 13.39 -5.45
C PRO A 14 -36.02 13.60 -4.31
N GLY A 15 -35.56 14.19 -3.21
CA GLY A 15 -36.41 14.43 -2.06
C GLY A 15 -36.29 13.38 -0.97
N GLU A 16 -35.83 12.19 -1.32
CA GLU A 16 -35.70 11.10 -0.36
C GLU A 16 -34.47 11.27 0.53
N SER A 17 -34.30 10.37 1.48
CA SER A 17 -33.19 10.41 2.42
C SER A 17 -32.31 9.19 2.22
N LEU A 18 -31.12 9.22 2.79
CA LEU A 18 -30.17 8.13 2.64
C LEU A 18 -29.05 8.31 3.66
N ARG A 19 -28.66 7.21 4.29
N ARG A 19 -28.65 7.21 4.27
CA ARG A 19 -27.64 7.22 5.33
CA ARG A 19 -27.63 7.24 5.31
C ARG A 19 -26.39 6.46 4.88
C ARG A 19 -26.40 6.46 4.89
N LEU A 20 -25.28 7.17 4.80
CA LEU A 20 -24.00 6.53 4.46
C LEU A 20 -23.28 6.18 5.74
N SER A 21 -22.45 5.14 5.69
N SER A 21 -22.47 5.12 5.68
CA SER A 21 -21.62 4.80 6.83
CA SER A 21 -21.65 4.68 6.79
C SER A 21 -20.21 4.53 6.37
C SER A 21 -20.20 4.59 6.35
N CYS A 22 -19.29 4.58 7.32
CA CYS A 22 -17.87 4.39 7.02
C CYS A 22 -17.26 3.69 8.21
N VAL A 23 -16.65 2.54 7.96
CA VAL A 23 -16.10 1.75 9.04
C VAL A 23 -14.58 1.82 9.01
N GLY A 24 -14.00 2.12 10.16
CA GLY A 24 -12.56 2.15 10.29
C GLY A 24 -12.04 0.80 10.74
N SER A 25 -10.88 0.41 10.21
CA SER A 25 -10.19 -0.78 10.67
C SER A 25 -8.71 -0.49 10.69
N GLY A 26 -7.90 -1.50 10.95
CA GLY A 26 -6.47 -1.30 11.06
C GLY A 26 -6.15 -0.38 12.22
N SER A 27 -4.94 0.16 12.23
CA SER A 27 -4.52 1.05 13.30
C SER A 27 -3.22 1.75 12.93
N SER A 28 -2.98 2.90 13.57
CA SER A 28 -1.79 3.69 13.31
C SER A 28 -0.88 3.70 14.54
N PHE A 29 -0.17 4.80 14.74
CA PHE A 29 0.80 4.91 15.83
C PHE A 29 0.13 4.74 17.20
N GLY A 30 0.84 4.06 18.09
CA GLY A 30 0.32 3.78 19.42
C GLY A 30 -0.97 2.99 19.36
N GLU A 31 -1.10 2.17 18.31
CA GLU A 31 -2.27 1.34 18.10
C GLU A 31 -3.57 2.16 18.04
N SER A 32 -3.46 3.40 17.60
CA SER A 32 -4.61 4.28 17.46
C SER A 32 -5.54 3.80 16.37
N THR A 33 -6.84 4.00 16.58
CA THR A 33 -7.87 3.65 15.60
C THR A 33 -8.58 4.91 15.18
N LEU A 34 -9.58 4.76 14.31
CA LEU A 34 -10.28 5.90 13.73
C LEU A 34 -10.82 6.86 14.80
N SER A 35 -11.21 6.32 15.95
CA SER A 35 -11.83 7.15 16.99
C SER A 35 -10.85 8.10 17.67
N TYR A 36 -9.58 8.02 17.29
CA TYR A 36 -8.58 8.98 17.79
C TYR A 36 -8.52 10.22 16.89
N TYR A 37 -9.18 10.17 15.75
CA TYR A 37 -9.02 11.19 14.72
C TYR A 37 -10.30 11.90 14.32
N ALA A 38 -10.15 13.14 13.87
CA ALA A 38 -11.22 13.85 13.18
C ALA A 38 -11.37 13.29 11.77
N VAL A 39 -12.58 13.38 11.24
CA VAL A 39 -12.90 12.76 9.96
C VAL A 39 -13.83 13.67 9.18
N SER A 40 -13.68 13.69 7.86
CA SER A 40 -14.55 14.46 7.01
C SER A 40 -15.23 13.57 5.98
N TRP A 41 -16.33 14.07 5.43
CA TRP A 41 -16.91 13.48 4.23
C TRP A 41 -16.60 14.40 3.06
N VAL A 42 -16.25 13.81 1.92
CA VAL A 42 -15.85 14.55 0.75
C VAL A 42 -16.49 13.84 -0.42
N ARG A 43 -16.98 14.58 -1.41
CA ARG A 43 -17.63 13.93 -2.54
C ARG A 43 -17.06 14.40 -3.86
N GLN A 44 -17.39 13.64 -4.91
CA GLN A 44 -16.88 13.91 -6.24
C GLN A 44 -17.96 13.59 -7.25
N ALA A 45 -18.52 14.63 -7.86
CA ALA A 45 -19.57 14.45 -8.84
C ALA A 45 -18.96 13.86 -10.10
N PRO A 46 -19.79 13.25 -10.96
CA PRO A 46 -19.27 12.56 -12.13
C PRO A 46 -18.43 13.48 -13.02
N GLY A 47 -17.18 13.07 -13.27
CA GLY A 47 -16.27 13.84 -14.11
C GLY A 47 -15.74 15.11 -13.49
N LYS A 48 -16.03 15.35 -12.22
CA LYS A 48 -15.64 16.61 -11.57
C LYS A 48 -14.55 16.40 -10.52
N GLY A 49 -14.21 17.48 -9.83
CA GLY A 49 -13.23 17.43 -8.76
C GLY A 49 -13.80 17.08 -7.41
N LEU A 50 -13.06 17.44 -6.35
CA LEU A 50 -13.42 17.07 -5.00
C LEU A 50 -14.07 18.24 -4.25
N GLU A 51 -15.11 17.92 -3.48
CA GLU A 51 -15.84 18.92 -2.71
C GLU A 51 -15.98 18.48 -1.25
N TRP A 52 -15.40 19.26 -0.34
CA TRP A 52 -15.53 18.95 1.08
C TRP A 52 -16.96 19.22 1.54
N LEU A 53 -17.50 18.31 2.35
CA LEU A 53 -18.89 18.43 2.79
C LEU A 53 -19.03 18.72 4.27
N SER A 54 -18.25 18.03 5.09
CA SER A 54 -18.46 18.07 6.53
C SER A 54 -17.31 17.47 7.31
N ILE A 55 -17.12 17.97 8.53
CA ILE A 55 -16.07 17.47 9.41
C ILE A 55 -16.63 17.23 10.80
N ILE A 56 -16.06 16.26 11.50
CA ILE A 56 -16.43 15.99 12.89
C ILE A 56 -15.19 15.57 13.65
N ASN A 57 -15.03 16.08 14.87
CA ASN A 57 -13.84 15.80 15.64
C ASN A 57 -13.94 14.42 16.26
N ALA A 58 -12.82 13.92 16.76
CA ALA A 58 -12.74 12.56 17.31
C ALA A 58 -13.85 12.28 18.33
N GLY A 59 -14.08 13.23 19.22
CA GLY A 59 -15.05 13.05 20.28
C GLY A 59 -16.48 13.43 19.93
N GLY A 60 -16.69 13.80 18.67
CA GLY A 60 -18.04 14.08 18.19
C GLY A 60 -18.40 15.55 18.04
N GLY A 61 -17.51 16.44 18.47
CA GLY A 61 -17.80 17.86 18.43
C GLY A 61 -17.19 18.64 17.29
N ASP A 62 -17.30 19.97 17.37
CA ASP A 62 -16.68 20.89 16.41
C ASP A 62 -17.12 20.60 14.98
N ILE A 63 -18.38 20.23 14.82
CA ILE A 63 -18.94 19.90 13.52
C ILE A 63 -19.14 21.15 12.67
N ASP A 64 -18.85 21.03 11.38
CA ASP A 64 -19.18 22.07 10.41
C ASP A 64 -19.57 21.47 9.06
N TYR A 65 -20.28 22.26 8.27
CA TYR A 65 -20.78 21.80 6.99
C TYR A 65 -20.49 22.82 5.90
N ALA A 66 -20.29 22.35 4.67
CA ALA A 66 -20.25 23.22 3.52
C ALA A 66 -21.67 23.76 3.31
N ASP A 67 -21.77 24.98 2.79
CA ASP A 67 -23.06 25.61 2.58
C ASP A 67 -23.98 24.76 1.70
N SER A 68 -23.38 24.01 0.78
CA SER A 68 -24.16 23.24 -0.19
C SER A 68 -24.99 22.12 0.43
N VAL A 69 -24.65 21.70 1.65
CA VAL A 69 -25.40 20.64 2.31
C VAL A 69 -25.84 21.00 3.73
N GLU A 70 -25.52 22.20 4.19
CA GLU A 70 -25.93 22.64 5.52
C GLU A 70 -27.45 22.64 5.61
N GLY A 71 -27.96 22.02 6.67
CA GLY A 71 -29.39 22.00 6.93
C GLY A 71 -30.09 20.78 6.34
N ARG A 72 -29.35 19.99 5.56
CA ARG A 72 -29.89 18.77 4.98
C ARG A 72 -29.10 17.54 5.41
N PHE A 73 -27.79 17.67 5.57
CA PHE A 73 -26.96 16.54 5.92
C PHE A 73 -26.56 16.65 7.38
N THR A 74 -26.40 15.50 8.04
CA THR A 74 -25.97 15.48 9.42
C THR A 74 -24.87 14.45 9.59
N ILE A 75 -23.72 14.90 10.09
CA ILE A 75 -22.60 14.01 10.34
C ILE A 75 -22.59 13.57 11.79
N SER A 76 -22.23 12.31 12.01
CA SER A 76 -22.13 11.75 13.35
C SER A 76 -21.18 10.57 13.33
N ARG A 77 -20.87 10.03 14.49
CA ARG A 77 -19.99 8.87 14.59
C ARG A 77 -20.31 8.05 15.82
N ASP A 78 -20.06 6.74 15.71
CA ASP A 78 -20.19 5.83 16.84
C ASP A 78 -18.83 5.19 17.07
N ASN A 79 -18.08 5.73 18.03
CA ASN A 79 -16.71 5.29 18.26
C ASN A 79 -16.60 3.89 18.83
N SER A 80 -17.64 3.43 19.50
CA SER A 80 -17.65 2.07 20.02
C SER A 80 -17.63 1.07 18.85
N LYS A 81 -18.11 1.51 17.69
CA LYS A 81 -18.09 0.70 16.48
C LYS A 81 -17.05 1.18 15.46
N GLU A 82 -16.28 2.20 15.83
CA GLU A 82 -15.34 2.84 14.91
C GLU A 82 -16.02 3.17 13.58
N THR A 83 -17.24 3.71 13.65
CA THR A 83 -18.02 3.97 12.44
C THR A 83 -18.45 5.42 12.33
N LEU A 84 -18.38 5.96 11.12
CA LEU A 84 -18.88 7.31 10.84
C LEU A 84 -20.13 7.23 9.98
N TYR A 85 -20.99 8.23 10.13
CA TYR A 85 -22.24 8.27 9.41
C TYR A 85 -22.44 9.62 8.76
N LEU A 86 -23.08 9.63 7.60
CA LEU A 86 -23.57 10.86 7.00
C LEU A 86 -25.05 10.64 6.68
N GLN A 87 -25.91 11.32 7.42
CA GLN A 87 -27.34 11.25 7.17
C GLN A 87 -27.74 12.36 6.20
N MET A 88 -28.15 11.97 5.01
CA MET A 88 -28.56 12.91 3.98
C MET A 88 -30.09 12.94 3.90
N THR A 89 -30.65 14.13 3.82
CA THR A 89 -32.09 14.27 3.61
C THR A 89 -32.36 15.24 2.47
N ASN A 90 -33.60 15.24 1.98
N ASN A 90 -33.60 15.24 1.98
CA ASN A 90 -34.01 16.14 0.91
CA ASN A 90 -34.00 16.14 0.91
C ASN A 90 -32.99 16.16 -0.23
C ASN A 90 -32.98 16.17 -0.22
N LEU A 91 -32.58 14.99 -0.67
CA LEU A 91 -31.56 14.87 -1.71
C LEU A 91 -32.01 15.51 -3.03
N ARG A 92 -31.05 16.04 -3.77
CA ARG A 92 -31.33 16.59 -5.08
C ARG A 92 -30.43 15.95 -6.12
N VAL A 93 -30.76 16.18 -7.39
CA VAL A 93 -30.02 15.59 -8.49
C VAL A 93 -28.53 15.92 -8.41
N GLU A 94 -28.20 17.13 -7.95
CA GLU A 94 -26.81 17.57 -7.93
C GLU A 94 -26.03 17.02 -6.73
N ASP A 95 -26.71 16.23 -5.89
CA ASP A 95 -26.01 15.52 -4.83
C ASP A 95 -25.40 14.23 -5.36
N THR A 96 -25.65 13.94 -6.62
CA THR A 96 -25.12 12.73 -7.25
C THR A 96 -23.60 12.75 -7.28
N GLY A 97 -22.99 11.61 -6.93
CA GLY A 97 -21.55 11.47 -6.99
C GLY A 97 -21.02 10.37 -6.10
N VAL A 98 -19.70 10.25 -6.07
CA VAL A 98 -19.03 9.30 -5.18
C VAL A 98 -18.73 10.00 -3.86
N TYR A 99 -19.11 9.35 -2.75
CA TYR A 99 -18.87 9.92 -1.43
C TYR A 99 -17.73 9.22 -0.70
N TYR A 100 -16.76 9.99 -0.26
CA TYR A 100 -15.62 9.46 0.47
C TYR A 100 -15.65 9.93 1.92
N CYS A 101 -15.29 9.06 2.84
CA CYS A 101 -14.88 9.52 4.16
C CYS A 101 -13.36 9.56 4.19
N ALA A 102 -12.81 10.55 4.87
CA ALA A 102 -11.38 10.86 4.79
C ALA A 102 -10.89 11.31 6.15
N LYS A 103 -9.89 10.61 6.66
CA LYS A 103 -9.34 10.88 7.98
C LYS A 103 -8.30 12.01 7.95
N HIS A 104 -8.39 12.93 8.90
CA HIS A 104 -7.40 13.99 9.05
C HIS A 104 -6.24 13.39 9.82
N MET A 105 -5.00 13.82 9.55
CA MET A 105 -3.86 13.10 10.13
C MET A 105 -3.56 13.34 11.62
N SER A 106 -3.85 14.52 12.15
CA SER A 106 -3.44 14.81 13.53
C SER A 106 -4.29 14.06 14.55
N MET A 107 -3.63 13.44 15.52
CA MET A 107 -4.32 12.78 16.62
C MET A 107 -5.08 13.82 17.43
N GLN A 108 -6.35 13.55 17.70
CA GLN A 108 -7.24 14.52 18.34
C GLN A 108 -7.65 14.13 19.75
N GLN A 109 -7.67 12.83 20.04
CA GLN A 109 -7.96 12.37 21.40
C GLN A 109 -7.36 11.02 21.71
N VAL A 110 -7.04 10.82 22.99
CA VAL A 110 -6.61 9.53 23.49
C VAL A 110 -7.45 9.24 24.73
N VAL A 111 -8.49 8.43 24.56
CA VAL A 111 -9.43 8.16 25.64
C VAL A 111 -8.74 7.50 26.83
N SER A 112 -7.82 6.59 26.55
CA SER A 112 -7.13 5.84 27.60
C SER A 112 -6.26 6.73 28.48
N ALA A 113 -5.95 7.93 28.00
CA ALA A 113 -5.14 8.88 28.78
C ALA A 113 -5.94 10.11 29.22
N GLY A 114 -7.25 10.09 28.98
CA GLY A 114 -8.09 11.25 29.24
C GLY A 114 -7.61 12.52 28.58
N TRP A 115 -6.91 12.39 27.45
CA TRP A 115 -6.40 13.54 26.71
C TRP A 115 -7.24 13.87 25.47
N GLU A 116 -7.44 15.16 25.24
CA GLU A 116 -8.12 15.65 24.04
C GLU A 116 -7.41 16.90 23.54
N ARG A 117 -6.99 16.90 22.28
CA ARG A 117 -6.36 18.09 21.71
C ARG A 117 -7.31 19.27 21.88
N ALA A 118 -6.75 20.41 22.25
CA ALA A 118 -7.54 21.61 22.49
C ALA A 118 -8.26 22.10 21.23
N ASP A 119 -7.63 21.93 20.07
CA ASP A 119 -8.16 22.48 18.83
C ASP A 119 -8.35 21.39 17.78
N LEU A 120 -9.30 21.60 16.88
CA LEU A 120 -9.47 20.73 15.72
C LEU A 120 -8.54 21.18 14.61
N VAL A 121 -7.51 20.39 14.35
CA VAL A 121 -6.49 20.77 13.36
C VAL A 121 -7.05 20.74 11.94
N GLY A 122 -7.69 19.63 11.57
CA GLY A 122 -8.27 19.50 10.25
C GLY A 122 -7.22 19.54 9.16
N ASP A 123 -6.05 18.96 9.47
CA ASP A 123 -4.96 18.87 8.50
C ASP A 123 -5.18 17.77 7.46
N ALA A 124 -4.12 17.32 6.80
CA ALA A 124 -4.25 16.57 5.56
C ALA A 124 -5.03 15.26 5.68
N PHE A 125 -5.73 14.91 4.60
CA PHE A 125 -6.48 13.67 4.53
C PHE A 125 -5.54 12.52 4.19
N ASP A 126 -5.01 11.87 5.22
CA ASP A 126 -3.99 10.84 5.01
C ASP A 126 -4.55 9.46 4.68
N VAL A 127 -5.84 9.24 4.96
CA VAL A 127 -6.50 8.00 4.56
C VAL A 127 -7.89 8.27 3.99
N TRP A 128 -8.13 7.72 2.81
CA TRP A 128 -9.43 7.80 2.17
C TRP A 128 -10.01 6.41 1.98
N GLY A 129 -11.33 6.29 1.99
CA GLY A 129 -11.98 5.06 1.59
C GLY A 129 -11.98 4.92 0.08
N GLN A 130 -12.60 3.85 -0.41
CA GLN A 130 -12.67 3.58 -1.84
C GLN A 130 -13.86 4.32 -2.43
N GLY A 131 -14.72 4.83 -1.55
CA GLY A 131 -15.86 5.63 -1.96
C GLY A 131 -17.11 4.80 -2.16
N THR A 132 -18.26 5.44 -2.03
CA THR A 132 -19.54 4.80 -2.29
C THR A 132 -20.40 5.70 -3.19
N MET A 133 -21.01 5.11 -4.20
CA MET A 133 -21.72 5.88 -5.23
C MET A 133 -23.15 6.20 -4.84
N VAL A 134 -23.52 7.47 -4.94
CA VAL A 134 -24.90 7.90 -4.72
C VAL A 134 -25.45 8.48 -6.01
N THR A 135 -26.55 7.93 -6.50
CA THR A 135 -27.23 8.49 -7.65
C THR A 135 -28.62 8.96 -7.24
N VAL A 136 -28.91 10.23 -7.51
CA VAL A 136 -30.21 10.79 -7.19
C VAL A 136 -30.95 11.07 -8.49
N SER A 137 -31.99 10.30 -8.77
CA SER A 137 -32.69 10.44 -10.04
C SER A 137 -34.15 10.02 -9.98
N SER A 138 -34.97 10.66 -10.81
CA SER A 138 -36.38 10.31 -10.95
C SER A 138 -36.53 9.00 -11.72
N ALA A 139 -35.54 8.71 -12.55
CA ALA A 139 -35.63 7.58 -13.46
C ALA A 139 -35.51 6.29 -12.71
N SER A 140 -36.17 5.26 -13.21
CA SER A 140 -36.14 3.96 -12.56
C SER A 140 -34.95 3.17 -13.07
N THR A 141 -34.48 2.27 -12.23
CA THR A 141 -33.36 1.41 -12.55
C THR A 141 -33.69 0.46 -13.71
N LYS A 142 -32.72 0.22 -14.58
CA LYS A 142 -32.85 -0.85 -15.56
C LYS A 142 -31.58 -1.67 -15.61
N GLY A 143 -31.72 -2.99 -15.53
CA GLY A 143 -30.58 -3.87 -15.55
C GLY A 143 -30.08 -4.14 -16.95
N PRO A 144 -28.79 -4.49 -17.06
CA PRO A 144 -28.13 -4.64 -18.36
C PRO A 144 -28.48 -5.95 -19.05
N SER A 145 -28.52 -5.89 -20.38
CA SER A 145 -28.48 -7.09 -21.20
C SER A 145 -27.01 -7.37 -21.49
N VAL A 146 -26.61 -8.64 -21.42
CA VAL A 146 -25.22 -8.99 -21.67
C VAL A 146 -25.15 -9.90 -22.89
N PHE A 147 -24.41 -9.45 -23.90
CA PHE A 147 -24.25 -10.20 -25.14
C PHE A 147 -22.79 -10.52 -25.37
N PRO A 148 -22.51 -11.72 -25.91
CA PRO A 148 -21.10 -12.06 -26.14
C PRO A 148 -20.54 -11.33 -27.35
N LEU A 149 -19.26 -10.96 -27.26
CA LEU A 149 -18.52 -10.47 -28.41
C LEU A 149 -17.60 -11.63 -28.80
N ALA A 150 -17.99 -12.34 -29.85
CA ALA A 150 -17.43 -13.65 -30.12
C ALA A 150 -16.23 -13.57 -31.06
N PRO A 151 -15.12 -14.22 -30.67
CA PRO A 151 -13.97 -14.30 -31.55
C PRO A 151 -14.31 -15.17 -32.76
N SER A 152 -13.77 -14.81 -33.90
CA SER A 152 -14.05 -15.51 -35.15
C SER A 152 -12.76 -15.83 -35.88
N SER A 153 -12.82 -16.78 -36.80
CA SER A 153 -11.67 -17.11 -37.62
C SER A 153 -11.31 -15.88 -38.45
N LYS A 154 -10.03 -15.62 -38.57
CA LYS A 154 -9.51 -14.46 -39.31
C LYS A 154 -9.50 -13.22 -38.42
N SER A 155 -9.93 -13.35 -37.18
CA SER A 155 -9.93 -12.23 -36.25
C SER A 155 -8.55 -11.96 -35.65
N THR A 156 -7.61 -12.88 -35.85
CA THR A 156 -6.28 -12.72 -35.30
C THR A 156 -5.62 -11.44 -35.82
N SER A 157 -5.05 -10.67 -34.90
CA SER A 157 -4.35 -9.43 -35.22
C SER A 157 -3.24 -9.27 -34.21
N GLY A 158 -2.04 -8.94 -34.66
CA GLY A 158 -0.86 -9.22 -33.86
C GLY A 158 -0.76 -10.73 -33.87
N GLY A 159 -0.36 -11.31 -32.74
CA GLY A 159 -0.39 -12.76 -32.59
C GLY A 159 -1.52 -13.19 -31.66
N THR A 160 -2.50 -12.31 -31.46
CA THR A 160 -3.52 -12.52 -30.42
C THR A 160 -4.95 -12.57 -30.95
N ALA A 161 -5.84 -13.11 -30.11
CA ALA A 161 -7.28 -13.09 -30.37
C ALA A 161 -7.98 -12.21 -29.33
N ALA A 162 -9.15 -11.69 -29.69
CA ALA A 162 -9.93 -10.88 -28.77
C ALA A 162 -11.35 -11.42 -28.64
N LEU A 163 -11.88 -11.36 -27.42
CA LEU A 163 -13.26 -11.69 -27.16
C LEU A 163 -13.75 -10.79 -26.03
N GLY A 164 -15.05 -10.73 -25.81
CA GLY A 164 -15.59 -9.78 -24.86
C GLY A 164 -17.06 -9.95 -24.54
N CYS A 165 -17.59 -8.98 -23.79
CA CYS A 165 -19.00 -8.94 -23.46
C CYS A 165 -19.50 -7.52 -23.72
N LEU A 166 -20.67 -7.44 -24.35
CA LEU A 166 -21.33 -6.15 -24.53
C LEU A 166 -22.40 -6.02 -23.46
N VAL A 167 -22.20 -5.05 -22.56
CA VAL A 167 -23.13 -4.80 -21.48
C VAL A 167 -23.99 -3.59 -21.81
N LYS A 168 -25.23 -3.83 -22.22
CA LYS A 168 -26.03 -2.82 -22.90
C LYS A 168 -27.31 -2.43 -22.16
N ASP A 169 -27.65 -1.15 -22.26
CA ASP A 169 -28.96 -0.64 -21.86
C ASP A 169 -29.22 -0.74 -20.36
N TYR A 170 -28.40 -0.08 -19.56
CA TYR A 170 -28.62 -0.10 -18.11
C TYR A 170 -28.60 1.31 -17.52
N PHE A 171 -29.16 1.42 -16.32
CA PHE A 171 -29.17 2.68 -15.57
C PHE A 171 -29.43 2.36 -14.11
N PRO A 172 -28.73 3.04 -13.20
CA PRO A 172 -27.68 4.04 -13.45
C PRO A 172 -26.31 3.37 -13.46
N GLU A 173 -25.26 4.18 -13.44
CA GLU A 173 -23.92 3.66 -13.23
C GLU A 173 -23.85 3.20 -11.77
N PRO A 174 -22.98 2.24 -11.47
CA PRO A 174 -22.04 1.61 -12.39
C PRO A 174 -22.24 0.10 -12.48
N VAL A 175 -21.57 -0.52 -13.44
CA VAL A 175 -21.50 -1.98 -13.50
C VAL A 175 -20.06 -2.40 -13.32
N THR A 176 -19.86 -3.50 -12.63
CA THR A 176 -18.53 -4.09 -12.53
C THR A 176 -18.47 -5.34 -13.40
N VAL A 177 -17.33 -5.57 -14.02
CA VAL A 177 -17.14 -6.76 -14.84
C VAL A 177 -15.86 -7.47 -14.43
N SER A 178 -15.95 -8.78 -14.22
CA SER A 178 -14.78 -9.60 -14.02
C SER A 178 -14.82 -10.75 -15.01
N TRP A 179 -13.74 -11.52 -15.11
CA TRP A 179 -13.67 -12.62 -16.06
C TRP A 179 -13.28 -13.91 -15.36
N ASN A 180 -14.03 -14.98 -15.62
CA ASN A 180 -13.81 -16.25 -14.96
C ASN A 180 -13.70 -16.06 -13.45
N SER A 181 -14.60 -15.27 -12.89
CA SER A 181 -14.69 -15.10 -11.44
C SER A 181 -13.43 -14.45 -10.87
N GLY A 182 -12.67 -13.79 -11.73
CA GLY A 182 -11.45 -13.12 -11.31
C GLY A 182 -10.17 -13.91 -11.52
N ALA A 183 -10.29 -15.12 -12.06
CA ALA A 183 -9.12 -15.94 -12.35
C ALA A 183 -8.36 -15.41 -13.56
N LEU A 184 -9.06 -14.68 -14.41
CA LEU A 184 -8.46 -14.11 -15.62
C LEU A 184 -8.42 -12.59 -15.52
N THR A 185 -7.22 -12.03 -15.44
CA THR A 185 -7.05 -10.58 -15.30
C THR A 185 -6.11 -9.95 -16.34
N SER A 186 -5.15 -10.71 -16.81
N SER A 186 -5.14 -10.72 -16.81
CA SER A 186 -4.20 -10.22 -17.81
CA SER A 186 -4.20 -10.23 -17.81
C SER A 186 -4.91 -9.91 -19.13
C SER A 186 -4.91 -9.90 -19.12
N GLY A 187 -4.67 -8.71 -19.64
CA GLY A 187 -5.17 -8.31 -20.94
C GLY A 187 -6.64 -7.93 -20.98
N VAL A 188 -7.20 -7.60 -19.81
CA VAL A 188 -8.59 -7.17 -19.73
C VAL A 188 -8.71 -5.66 -19.83
N HIS A 189 -9.63 -5.20 -20.67
CA HIS A 189 -9.99 -3.78 -20.72
C HIS A 189 -11.50 -3.68 -20.57
N THR A 190 -11.95 -2.93 -19.57
CA THR A 190 -13.35 -2.63 -19.45
C THR A 190 -13.51 -1.14 -19.74
N PHE A 191 -14.20 -0.84 -20.83
CA PHE A 191 -14.33 0.54 -21.30
C PHE A 191 -15.25 1.38 -20.43
N PRO A 192 -14.99 2.68 -20.35
CA PRO A 192 -15.93 3.60 -19.73
C PRO A 192 -17.30 3.51 -20.39
N ALA A 193 -18.35 3.60 -19.60
CA ALA A 193 -19.70 3.56 -20.13
C ALA A 193 -19.95 4.80 -21.00
N VAL A 194 -20.78 4.63 -22.03
CA VAL A 194 -21.21 5.75 -22.86
C VAL A 194 -22.71 5.90 -22.69
N LEU A 195 -23.17 7.14 -22.54
CA LEU A 195 -24.60 7.40 -22.48
C LEU A 195 -25.18 7.42 -23.88
N GLN A 196 -26.20 6.59 -24.09
CA GLN A 196 -26.85 6.51 -25.39
C GLN A 196 -28.01 7.51 -25.46
N SER A 197 -28.54 7.73 -26.66
CA SER A 197 -29.63 8.65 -26.87
C SER A 197 -30.88 8.22 -26.11
N SER A 198 -31.02 6.91 -25.93
CA SER A 198 -32.13 6.34 -25.16
C SER A 198 -32.11 6.76 -23.69
N GLY A 199 -30.99 7.32 -23.24
CA GLY A 199 -30.82 7.68 -21.84
C GLY A 199 -30.25 6.55 -21.02
N LEU A 200 -29.92 5.44 -21.68
CA LEU A 200 -29.32 4.29 -21.01
C LEU A 200 -27.84 4.18 -21.35
N TYR A 201 -27.10 3.56 -20.44
CA TYR A 201 -25.66 3.37 -20.62
C TYR A 201 -25.34 2.07 -21.35
N SER A 202 -24.16 2.06 -21.97
CA SER A 202 -23.67 0.88 -22.65
C SER A 202 -22.17 0.82 -22.46
N LEU A 203 -21.65 -0.40 -22.34
CA LEU A 203 -20.24 -0.60 -22.05
C LEU A 203 -19.80 -1.94 -22.61
N SER A 204 -18.52 -2.04 -22.95
CA SER A 204 -17.94 -3.31 -23.37
C SER A 204 -16.76 -3.67 -22.49
N SER A 205 -16.59 -4.97 -22.27
CA SER A 205 -15.39 -5.47 -21.64
C SER A 205 -14.78 -6.47 -22.60
N VAL A 206 -13.47 -6.38 -22.83
CA VAL A 206 -12.81 -7.28 -23.75
C VAL A 206 -11.57 -7.85 -23.10
N VAL A 207 -11.12 -8.97 -23.64
CA VAL A 207 -9.90 -9.61 -23.18
C VAL A 207 -9.13 -10.17 -24.37
N THR A 208 -7.81 -10.05 -24.32
CA THR A 208 -6.98 -10.58 -25.40
C THR A 208 -6.28 -11.81 -24.84
N VAL A 209 -6.40 -12.89 -25.60
CA VAL A 209 -5.83 -14.19 -25.27
C VAL A 209 -5.01 -14.64 -26.45
N PRO A 210 -3.84 -15.24 -26.20
CA PRO A 210 -3.04 -15.69 -27.34
C PRO A 210 -3.87 -16.38 -28.42
N SER A 211 -3.45 -16.19 -29.67
CA SER A 211 -4.13 -16.75 -30.84
C SER A 211 -5.37 -17.61 -30.60
N THR A 218 -12.38 -21.69 -22.37
CA THR A 218 -13.61 -21.39 -21.64
C THR A 218 -13.55 -20.01 -20.98
N TYR A 219 -14.30 -19.07 -21.54
CA TYR A 219 -14.29 -17.69 -21.05
C TYR A 219 -15.67 -17.21 -20.62
N ILE A 220 -15.78 -16.74 -19.39
CA ILE A 220 -17.05 -16.32 -18.83
C ILE A 220 -16.88 -14.93 -18.25
N CYS A 221 -17.78 -14.01 -18.59
CA CYS A 221 -17.73 -12.69 -17.99
C CYS A 221 -18.84 -12.54 -16.96
N ASN A 222 -18.46 -12.01 -15.81
CA ASN A 222 -19.37 -11.86 -14.69
C ASN A 222 -19.74 -10.39 -14.56
N VAL A 223 -21.01 -10.09 -14.81
CA VAL A 223 -21.47 -8.71 -14.79
C VAL A 223 -22.33 -8.46 -13.57
N ASN A 224 -22.02 -7.39 -12.86
CA ASN A 224 -22.78 -7.02 -11.67
C ASN A 224 -23.27 -5.59 -11.78
N HIS A 225 -24.57 -5.40 -11.58
CA HIS A 225 -25.18 -4.08 -11.55
C HIS A 225 -26.05 -4.04 -10.30
N LYS A 226 -25.49 -3.53 -9.21
CA LYS A 226 -26.17 -3.55 -7.90
C LYS A 226 -27.52 -2.85 -7.82
N PRO A 227 -27.67 -1.69 -8.48
CA PRO A 227 -28.95 -0.97 -8.38
C PRO A 227 -30.15 -1.79 -8.85
N SER A 228 -29.91 -2.75 -9.73
CA SER A 228 -30.95 -3.62 -10.24
C SER A 228 -30.83 -5.06 -9.76
N ASN A 229 -29.96 -5.29 -8.79
CA ASN A 229 -29.73 -6.64 -8.27
C ASN A 229 -29.33 -7.62 -9.35
N THR A 230 -28.67 -7.13 -10.39
CA THR A 230 -28.23 -8.00 -11.48
C THR A 230 -26.90 -8.66 -11.20
N LYS A 231 -26.88 -9.99 -11.36
CA LYS A 231 -25.63 -10.73 -11.30
C LYS A 231 -25.70 -11.78 -12.40
N VAL A 232 -25.00 -11.52 -13.50
CA VAL A 232 -25.07 -12.36 -14.69
C VAL A 232 -23.70 -12.97 -14.98
N ASP A 233 -23.69 -14.24 -15.35
CA ASP A 233 -22.48 -14.86 -15.86
C ASP A 233 -22.75 -15.30 -17.29
N LYS A 234 -22.02 -14.75 -18.25
CA LYS A 234 -22.24 -15.09 -19.65
C LYS A 234 -21.04 -15.76 -20.27
N ARG A 235 -21.26 -16.97 -20.77
CA ARG A 235 -20.22 -17.73 -21.44
C ARG A 235 -20.01 -17.17 -22.84
N VAL A 236 -18.74 -17.04 -23.23
CA VAL A 236 -18.39 -16.48 -24.53
C VAL A 236 -17.63 -17.52 -25.35
N GLU A 237 -18.19 -17.90 -26.48
CA GLU A 237 -17.63 -18.96 -27.30
C GLU A 237 -17.61 -18.49 -28.75
N PRO A 238 -16.70 -19.08 -29.56
CA PRO A 238 -16.60 -18.74 -30.98
C PRO A 238 -17.87 -19.04 -31.78
N LYS A 239 -18.12 -18.20 -32.77
CA LYS A 239 -19.27 -18.35 -33.65
C LYS A 239 -19.12 -19.58 -34.55
N ASP B 1 -15.03 31.67 0.59
CA ASP B 1 -14.35 30.39 0.20
C ASP B 1 -13.06 30.70 -0.55
N ILE B 2 -11.98 30.02 -0.17
CA ILE B 2 -10.70 30.18 -0.84
C ILE B 2 -10.68 29.37 -2.13
N GLN B 3 -10.33 30.02 -3.24
CA GLN B 3 -10.25 29.34 -4.53
C GLN B 3 -8.82 28.94 -4.83
N LEU B 4 -8.64 27.69 -5.22
CA LEU B 4 -7.34 27.20 -5.66
C LEU B 4 -7.37 26.97 -7.16
N THR B 5 -6.43 27.57 -7.88
CA THR B 5 -6.38 27.44 -9.34
C THR B 5 -5.13 26.65 -9.72
N GLN B 6 -5.35 25.53 -10.39
CA GLN B 6 -4.25 24.67 -10.80
C GLN B 6 -3.97 24.83 -12.28
N SER B 7 -2.69 24.92 -12.61
CA SER B 7 -2.28 24.94 -14.00
C SER B 7 -1.04 24.07 -14.22
N PRO B 8 -0.89 23.52 -15.43
CA PRO B 8 -1.94 23.65 -16.44
C PRO B 8 -3.04 22.63 -16.13
N SER B 9 -4.14 22.66 -16.88
CA SER B 9 -5.24 21.72 -16.66
C SER B 9 -4.78 20.31 -16.96
N SER B 10 -3.91 20.18 -17.94
CA SER B 10 -3.43 18.90 -18.40
C SER B 10 -1.98 19.09 -18.79
N LEU B 11 -1.14 18.13 -18.44
CA LEU B 11 0.26 18.24 -18.82
C LEU B 11 0.81 16.93 -19.37
N SER B 12 1.48 17.04 -20.50
CA SER B 12 2.08 15.91 -21.18
C SER B 12 3.59 15.96 -20.97
N ALA B 13 4.17 14.82 -20.62
CA ALA B 13 5.62 14.76 -20.44
C ALA B 13 6.13 13.34 -20.66
N SER B 14 7.42 13.22 -20.95
CA SER B 14 8.02 11.93 -21.22
C SER B 14 8.53 11.31 -19.93
N VAL B 15 8.56 9.98 -19.88
CA VAL B 15 9.15 9.26 -18.75
C VAL B 15 10.57 9.76 -18.51
N GLY B 16 10.86 10.13 -17.26
CA GLY B 16 12.17 10.61 -16.90
C GLY B 16 12.22 12.12 -16.79
N ASP B 17 11.20 12.78 -17.34
CA ASP B 17 11.14 14.24 -17.32
C ASP B 17 10.91 14.77 -15.92
N ARG B 18 11.48 15.92 -15.63
N ARG B 18 11.47 15.93 -15.63
CA ARG B 18 11.17 16.63 -14.40
CA ARG B 18 11.18 16.65 -14.39
C ARG B 18 9.90 17.43 -14.65
C ARG B 18 9.93 17.50 -14.59
N VAL B 19 8.91 17.24 -13.79
CA VAL B 19 7.59 17.83 -14.00
C VAL B 19 7.18 18.73 -12.84
N THR B 20 6.64 19.90 -13.18
CA THR B 20 6.23 20.86 -12.16
C THR B 20 4.74 21.20 -12.29
N LEU B 21 4.01 20.99 -11.20
CA LEU B 21 2.58 21.32 -11.15
C LEU B 21 2.43 22.53 -10.24
N THR B 22 1.55 23.47 -10.59
CA THR B 22 1.43 24.69 -9.81
C THR B 22 0.02 24.85 -9.25
N CYS B 23 -0.06 25.52 -8.10
CA CYS B 23 -1.32 25.80 -7.45
C CYS B 23 -1.27 27.25 -7.01
N GLN B 24 -2.29 28.02 -7.36
CA GLN B 24 -2.39 29.40 -6.91
C GLN B 24 -3.65 29.59 -6.06
N ALA B 25 -3.46 30.13 -4.86
CA ALA B 25 -4.58 30.40 -3.95
C ALA B 25 -5.03 31.85 -4.08
N SER B 26 -6.33 32.08 -3.90
CA SER B 26 -6.91 33.39 -4.08
C SER B 26 -6.57 34.29 -2.90
N GLN B 27 -6.04 33.70 -1.83
CA GLN B 27 -5.58 34.46 -0.69
C GLN B 27 -4.45 33.73 0.03
N ASP B 28 -3.71 34.46 0.87
CA ASP B 28 -2.56 33.91 1.57
C ASP B 28 -2.98 32.80 2.51
N ILE B 29 -2.54 31.58 2.23
CA ILE B 29 -2.86 30.43 3.08
C ILE B 29 -1.61 29.88 3.80
N ARG B 30 -0.57 30.69 3.89
CA ARG B 30 0.66 30.28 4.55
C ARG B 30 1.14 28.95 3.96
N LYS B 31 1.30 27.93 4.78
CA LYS B 31 1.73 26.62 4.31
C LYS B 31 0.67 25.55 4.53
N PHE B 32 -0.57 25.96 4.75
CA PHE B 32 -1.64 25.03 5.03
C PHE B 32 -2.18 24.46 3.73
N LEU B 33 -1.32 23.76 3.00
CA LEU B 33 -1.65 23.26 1.69
C LEU B 33 -1.17 21.83 1.48
N ASN B 34 -2.06 20.98 0.98
CA ASN B 34 -1.75 19.57 0.77
C ASN B 34 -1.96 19.18 -0.68
N TRP B 35 -1.24 18.14 -1.12
CA TRP B 35 -1.35 17.61 -2.48
C TRP B 35 -1.78 16.16 -2.49
N TYR B 36 -2.71 15.82 -3.39
CA TYR B 36 -3.18 14.45 -3.52
C TYR B 36 -3.01 13.95 -4.96
N GLN B 37 -2.90 12.63 -5.09
CA GLN B 37 -2.96 11.99 -6.40
C GLN B 37 -4.19 11.11 -6.45
N GLN B 38 -4.92 11.17 -7.56
CA GLN B 38 -6.07 10.29 -7.74
C GLN B 38 -6.01 9.60 -9.09
N LYS B 39 -6.00 8.27 -9.05
CA LYS B 39 -6.08 7.46 -10.26
C LYS B 39 -7.52 7.14 -10.60
N PRO B 40 -7.83 7.01 -11.89
CA PRO B 40 -9.22 6.85 -12.32
C PRO B 40 -9.92 5.70 -11.58
N GLY B 41 -11.10 5.99 -11.04
CA GLY B 41 -11.90 5.01 -10.34
C GLY B 41 -11.39 4.64 -8.95
N LYS B 42 -10.38 5.37 -8.47
CA LYS B 42 -9.80 5.11 -7.15
C LYS B 42 -9.93 6.33 -6.25
N GLY B 43 -9.81 6.13 -4.94
CA GLY B 43 -9.83 7.23 -3.99
C GLY B 43 -8.51 7.97 -4.02
N PRO B 44 -8.51 9.25 -3.62
CA PRO B 44 -7.27 10.02 -3.57
C PRO B 44 -6.25 9.42 -2.59
N LYS B 45 -4.97 9.75 -2.80
CA LYS B 45 -3.92 9.41 -1.85
C LYS B 45 -3.06 10.63 -1.57
N LEU B 46 -2.76 10.86 -0.29
CA LEU B 46 -1.95 11.99 0.13
C LEU B 46 -0.50 11.83 -0.33
N LEU B 47 0.04 12.88 -0.92
CA LEU B 47 1.46 12.92 -1.31
C LEU B 47 2.28 13.86 -0.43
N ILE B 48 1.80 15.09 -0.28
CA ILE B 48 2.54 16.14 0.38
C ILE B 48 1.61 16.82 1.37
N TYR B 49 2.04 16.98 2.62
CA TYR B 49 1.24 17.76 3.57
C TYR B 49 1.99 19.01 4.03
N ASP B 50 1.23 20.05 4.33
CA ASP B 50 1.80 21.34 4.76
C ASP B 50 2.89 21.82 3.80
N ALA B 51 2.55 21.82 2.51
CA ALA B 51 3.36 22.43 1.46
C ALA B 51 4.63 21.66 1.05
N SER B 52 5.39 21.14 2.00
CA SER B 52 6.69 20.55 1.65
C SER B 52 7.03 19.21 2.29
N ASN B 53 6.13 18.65 3.11
CA ASN B 53 6.43 17.40 3.79
C ASN B 53 5.95 16.18 3.01
N LEU B 54 6.88 15.29 2.70
CA LEU B 54 6.58 14.06 2.00
C LEU B 54 5.92 13.07 2.95
N GLN B 55 4.71 12.64 2.63
CA GLN B 55 4.04 11.65 3.47
C GLN B 55 4.79 10.33 3.45
N ARG B 56 4.86 9.70 4.62
CA ARG B 56 5.46 8.37 4.76
C ARG B 56 4.98 7.40 3.68
N GLY B 57 5.91 6.75 3.01
CA GLY B 57 5.57 5.72 2.05
C GLY B 57 5.44 6.21 0.62
N VAL B 58 5.32 7.52 0.45
CA VAL B 58 5.23 8.11 -0.87
C VAL B 58 6.63 8.17 -1.48
N PRO B 59 6.76 7.81 -2.77
CA PRO B 59 8.09 7.79 -3.38
C PRO B 59 8.78 9.16 -3.27
N SER B 60 10.09 9.14 -3.05
CA SER B 60 10.84 10.37 -2.82
C SER B 60 11.00 11.29 -4.04
N ARG B 61 10.64 10.82 -5.23
CA ARG B 61 10.68 11.66 -6.41
C ARG B 61 9.66 12.80 -6.33
N PHE B 62 8.70 12.69 -5.43
CA PHE B 62 7.74 13.77 -5.19
C PHE B 62 8.28 14.74 -4.15
N SER B 63 8.15 16.02 -4.43
CA SER B 63 8.49 17.07 -3.47
C SER B 63 7.54 18.23 -3.66
N GLY B 64 7.36 19.01 -2.60
CA GLY B 64 6.46 20.15 -2.65
C GLY B 64 7.15 21.40 -2.16
N GLY B 65 6.72 22.55 -2.67
CA GLY B 65 7.30 23.81 -2.27
C GLY B 65 6.32 24.97 -2.31
N GLY B 66 6.74 26.10 -1.76
CA GLY B 66 5.97 27.32 -1.82
C GLY B 66 5.29 27.69 -0.52
N SER B 67 4.68 28.88 -0.52
CA SER B 67 3.95 29.37 0.64
C SER B 67 3.17 30.62 0.22
N GLY B 68 2.24 31.05 1.07
CA GLY B 68 1.40 32.18 0.74
C GLY B 68 0.35 31.81 -0.28
N THR B 69 0.52 32.25 -1.52
CA THR B 69 -0.45 31.96 -2.58
C THR B 69 0.08 31.04 -3.68
N ASP B 70 1.39 30.84 -3.73
CA ASP B 70 1.99 30.10 -4.84
C ASP B 70 2.68 28.81 -4.39
N PHE B 71 2.25 27.69 -4.95
CA PHE B 71 2.76 26.38 -4.56
C PHE B 71 3.12 25.51 -5.76
N THR B 72 4.05 24.59 -5.57
CA THR B 72 4.43 23.65 -6.61
C THR B 72 4.53 22.23 -6.08
N LEU B 73 4.14 21.28 -6.92
CA LEU B 73 4.42 19.89 -6.70
C LEU B 73 5.38 19.49 -7.79
N ILE B 74 6.52 18.93 -7.41
CA ILE B 74 7.53 18.56 -8.39
C ILE B 74 7.72 17.05 -8.39
N ILE B 75 7.69 16.48 -9.59
CA ILE B 75 8.02 15.08 -9.78
C ILE B 75 9.37 15.06 -10.48
N SER B 76 10.42 14.63 -9.78
CA SER B 76 11.77 14.82 -10.26
C SER B 76 12.06 13.96 -11.49
N SER B 77 11.39 12.82 -11.57
CA SER B 77 11.56 11.93 -12.72
C SER B 77 10.26 11.16 -12.95
N LEU B 78 9.50 11.60 -13.94
CA LEU B 78 8.16 11.08 -14.17
C LEU B 78 8.20 9.59 -14.49
N GLN B 79 7.33 8.83 -13.82
CA GLN B 79 7.22 7.41 -14.08
C GLN B 79 5.86 7.12 -14.71
N PRO B 80 5.76 6.02 -15.45
CA PRO B 80 4.49 5.68 -16.11
C PRO B 80 3.34 5.51 -15.12
N GLU B 81 3.62 4.98 -13.93
CA GLU B 81 2.59 4.81 -12.91
C GLU B 81 2.10 6.14 -12.34
N ASP B 82 2.76 7.22 -12.71
CA ASP B 82 2.36 8.57 -12.30
C ASP B 82 1.16 9.18 -13.03
N VAL B 83 0.69 8.55 -14.09
CA VAL B 83 -0.47 9.08 -14.81
C VAL B 83 -1.65 9.18 -13.86
N GLY B 84 -2.39 10.26 -13.96
CA GLY B 84 -3.57 10.45 -13.15
C GLY B 84 -3.81 11.92 -12.91
N THR B 85 -4.61 12.23 -11.90
CA THR B 85 -4.97 13.62 -11.63
C THR B 85 -4.44 14.02 -10.25
N TYR B 86 -3.93 15.24 -10.18
CA TYR B 86 -3.35 15.75 -8.95
C TYR B 86 -4.12 16.95 -8.45
N TYR B 87 -4.46 16.93 -7.16
CA TYR B 87 -5.24 18.01 -6.57
C TYR B 87 -4.46 18.65 -5.43
N CYS B 88 -4.53 19.96 -5.33
CA CYS B 88 -4.08 20.65 -4.14
C CYS B 88 -5.29 20.95 -3.25
N GLN B 89 -5.03 21.21 -1.97
CA GLN B 89 -6.11 21.38 -1.01
C GLN B 89 -5.61 22.22 0.15
N GLN B 90 -6.50 23.10 0.62
CA GLN B 90 -6.14 24.22 1.47
C GLN B 90 -6.92 24.02 2.76
N TYR B 91 -6.29 24.26 3.90
CA TYR B 91 -7.03 24.25 5.16
C TYR B 91 -6.68 25.42 6.10
N ASP B 92 -6.28 26.54 5.50
CA ASP B 92 -6.17 27.79 6.23
C ASP B 92 -7.50 28.13 6.89
N GLY B 93 -8.59 27.92 6.17
CA GLY B 93 -9.92 28.20 6.69
C GLY B 93 -11.02 27.36 6.07
N LEU B 94 -12.05 27.09 6.86
CA LEU B 94 -13.27 26.46 6.36
C LEU B 94 -14.02 27.41 5.44
N PRO B 95 -14.70 26.87 4.43
CA PRO B 95 -14.71 25.45 4.09
C PRO B 95 -13.41 25.03 3.43
N PHE B 96 -12.98 23.79 3.69
CA PHE B 96 -11.82 23.24 3.02
C PHE B 96 -12.14 23.20 1.53
N THR B 97 -11.17 23.54 0.70
CA THR B 97 -11.39 23.53 -0.74
C THR B 97 -10.24 22.87 -1.50
N PHE B 98 -10.55 22.38 -2.69
CA PHE B 98 -9.57 21.70 -3.53
C PHE B 98 -9.40 22.47 -4.84
N GLY B 99 -8.23 22.38 -5.43
CA GLY B 99 -8.01 22.85 -6.79
C GLY B 99 -8.80 21.99 -7.77
N GLY B 100 -8.95 22.46 -9.00
CA GLY B 100 -9.70 21.73 -10.00
C GLY B 100 -8.94 20.55 -10.59
N GLY B 101 -7.68 20.39 -10.20
CA GLY B 101 -6.90 19.23 -10.61
C GLY B 101 -6.06 19.45 -11.85
N THR B 102 -4.92 18.79 -11.90
CA THR B 102 -4.08 18.77 -13.10
C THR B 102 -3.90 17.32 -13.51
N LYS B 103 -4.27 17.02 -14.76
CA LYS B 103 -4.15 15.66 -15.27
C LYS B 103 -2.77 15.51 -15.89
N VAL B 104 -2.06 14.46 -15.47
CA VAL B 104 -0.76 14.15 -16.05
C VAL B 104 -0.85 13.02 -17.07
N VAL B 105 -0.24 13.25 -18.23
CA VAL B 105 -0.34 12.36 -19.37
C VAL B 105 1.07 12.02 -19.85
N ILE B 106 1.34 10.74 -20.08
CA ILE B 106 2.66 10.31 -20.56
C ILE B 106 2.80 10.42 -22.07
N LYS B 107 3.95 10.93 -22.51
CA LYS B 107 4.33 10.89 -23.92
C LYS B 107 5.22 9.68 -24.11
N ARG B 108 4.92 8.86 -25.11
CA ARG B 108 5.73 7.68 -25.37
C ARG B 108 5.88 7.47 -26.87
N THR B 109 6.55 6.39 -27.26
CA THR B 109 6.73 6.07 -28.67
C THR B 109 5.41 5.64 -29.30
N VAL B 110 5.28 5.87 -30.60
CA VAL B 110 4.12 5.40 -31.34
C VAL B 110 3.98 3.89 -31.24
N ALA B 111 2.74 3.42 -31.17
CA ALA B 111 2.45 1.99 -31.15
C ALA B 111 1.14 1.76 -31.88
N ALA B 112 1.19 0.95 -32.93
CA ALA B 112 0.04 0.77 -33.80
C ALA B 112 -0.99 -0.13 -33.13
N PRO B 113 -2.29 0.16 -33.34
CA PRO B 113 -3.35 -0.66 -32.75
C PRO B 113 -3.49 -2.01 -33.45
N SER B 114 -3.89 -3.02 -32.69
CA SER B 114 -4.39 -4.24 -33.30
C SER B 114 -5.91 -4.10 -33.36
N VAL B 115 -6.48 -4.44 -34.52
CA VAL B 115 -7.90 -4.21 -34.77
C VAL B 115 -8.71 -5.50 -34.86
N PHE B 116 -9.86 -5.51 -34.20
CA PHE B 116 -10.78 -6.64 -34.24
C PHE B 116 -12.19 -6.15 -34.48
N ILE B 117 -12.98 -6.92 -35.22
CA ILE B 117 -14.38 -6.61 -35.43
C ILE B 117 -15.28 -7.75 -34.93
N PHE B 118 -16.41 -7.40 -34.35
CA PHE B 118 -17.38 -8.39 -33.86
C PHE B 118 -18.78 -8.14 -34.41
N PRO B 119 -19.38 -9.18 -35.00
CA PRO B 119 -20.79 -9.08 -35.40
C PRO B 119 -21.71 -9.09 -34.18
N PRO B 120 -22.98 -8.71 -34.36
CA PRO B 120 -23.95 -8.83 -33.28
C PRO B 120 -24.22 -10.30 -32.95
N SER B 121 -24.46 -10.60 -31.69
CA SER B 121 -24.73 -11.97 -31.28
C SER B 121 -26.14 -12.37 -31.68
N ASP B 122 -26.43 -13.65 -31.60
CA ASP B 122 -27.75 -14.16 -31.98
C ASP B 122 -28.80 -13.77 -30.95
N GLU B 123 -28.41 -13.76 -29.68
CA GLU B 123 -29.33 -13.37 -28.61
C GLU B 123 -29.86 -11.96 -28.83
N GLN B 124 -29.00 -11.07 -29.32
CA GLN B 124 -29.37 -9.67 -29.45
C GLN B 124 -30.28 -9.42 -30.64
N LEU B 125 -29.99 -10.05 -31.77
CA LEU B 125 -30.86 -9.97 -32.94
C LEU B 125 -32.23 -10.51 -32.61
N LYS B 126 -32.25 -11.61 -31.87
CA LYS B 126 -33.50 -12.20 -31.39
C LYS B 126 -34.41 -11.13 -30.78
N SER B 127 -33.85 -9.98 -30.42
CA SER B 127 -34.61 -8.94 -29.73
C SER B 127 -34.71 -7.61 -30.51
N GLY B 128 -34.41 -7.64 -31.80
CA GLY B 128 -34.68 -6.51 -32.67
C GLY B 128 -33.63 -5.40 -32.79
N THR B 129 -32.48 -5.55 -32.13
CA THR B 129 -31.43 -4.54 -32.24
C THR B 129 -30.10 -5.20 -32.62
N ALA B 130 -29.29 -4.50 -33.42
CA ALA B 130 -27.98 -5.00 -33.81
C ALA B 130 -26.83 -4.06 -33.43
N SER B 131 -25.90 -4.57 -32.63
CA SER B 131 -24.71 -3.81 -32.24
C SER B 131 -23.49 -4.46 -32.88
N VAL B 132 -22.77 -3.69 -33.67
CA VAL B 132 -21.53 -4.17 -34.29
C VAL B 132 -20.37 -3.45 -33.62
N VAL B 133 -19.38 -4.21 -33.16
CA VAL B 133 -18.31 -3.62 -32.36
C VAL B 133 -16.94 -3.72 -33.03
N CYS B 134 -16.18 -2.64 -32.91
CA CYS B 134 -14.82 -2.58 -33.42
C CYS B 134 -13.89 -2.24 -32.26
N LEU B 135 -12.82 -3.00 -32.11
CA LEU B 135 -11.88 -2.80 -31.02
C LEU B 135 -10.49 -2.44 -31.56
N LEU B 136 -9.94 -1.35 -31.04
CA LEU B 136 -8.54 -1.00 -31.28
C LEU B 136 -7.79 -1.21 -29.98
N ASN B 137 -6.85 -2.14 -30.00
CA ASN B 137 -6.18 -2.53 -28.76
C ASN B 137 -4.74 -2.00 -28.64
N ASN B 138 -4.46 -1.47 -27.45
CA ASN B 138 -3.10 -1.11 -27.03
C ASN B 138 -2.29 -0.32 -28.05
N PHE B 139 -2.62 0.96 -28.21
CA PHE B 139 -1.96 1.79 -29.20
C PHE B 139 -1.61 3.16 -28.61
N TYR B 140 -0.77 3.89 -29.34
CA TYR B 140 -0.41 5.25 -28.97
C TYR B 140 0.07 5.95 -30.23
N PRO B 141 -0.30 7.23 -30.43
CA PRO B 141 -1.07 8.12 -29.55
C PRO B 141 -2.56 7.87 -29.59
N ARG B 142 -3.29 8.61 -28.76
CA ARG B 142 -4.72 8.38 -28.55
C ARG B 142 -5.56 8.65 -29.80
N GLU B 143 -5.13 9.64 -30.58
CA GLU B 143 -5.91 10.04 -31.74
C GLU B 143 -5.97 8.91 -32.77
N ALA B 144 -7.18 8.48 -33.10
CA ALA B 144 -7.39 7.48 -34.13
C ALA B 144 -8.69 7.81 -34.85
N LYS B 145 -8.79 7.40 -36.11
CA LYS B 145 -10.02 7.57 -36.85
C LYS B 145 -10.60 6.20 -37.14
N VAL B 146 -11.85 6.01 -36.78
CA VAL B 146 -12.56 4.76 -37.03
C VAL B 146 -13.75 5.07 -37.89
N GLN B 147 -13.79 4.46 -39.07
CA GLN B 147 -14.84 4.74 -40.04
C GLN B 147 -15.60 3.45 -40.29
N TRP B 148 -16.92 3.50 -40.18
CA TRP B 148 -17.75 2.35 -40.49
C TRP B 148 -18.20 2.36 -41.95
N LYS B 149 -18.22 1.19 -42.55
CA LYS B 149 -18.74 1.01 -43.90
C LYS B 149 -19.65 -0.21 -43.95
N VAL B 150 -20.85 -0.01 -44.47
CA VAL B 150 -21.81 -1.10 -44.66
C VAL B 150 -22.04 -1.29 -46.15
N ASP B 151 -21.70 -2.47 -46.65
CA ASP B 151 -21.69 -2.71 -48.08
C ASP B 151 -20.95 -1.56 -48.77
N ASN B 152 -19.89 -1.09 -48.13
CA ASN B 152 -19.02 -0.08 -48.74
C ASN B 152 -19.60 1.33 -48.67
N ALA B 153 -20.69 1.51 -47.93
CA ALA B 153 -21.29 2.82 -47.75
C ALA B 153 -20.83 3.46 -46.45
N LEU B 154 -20.28 4.67 -46.56
CA LEU B 154 -19.68 5.33 -45.42
C LEU B 154 -20.76 5.73 -44.43
N GLN B 155 -20.67 5.16 -43.23
CA GLN B 155 -21.69 5.37 -42.20
C GLN B 155 -21.37 6.63 -41.38
N SER B 156 -22.40 7.25 -40.82
CA SER B 156 -22.20 8.36 -39.88
C SER B 156 -23.43 8.63 -39.02
N GLY B 157 -23.20 9.05 -37.79
CA GLY B 157 -24.27 9.40 -36.88
C GLY B 157 -24.86 8.25 -36.10
N ASN B 158 -24.48 7.03 -36.45
CA ASN B 158 -24.98 5.85 -35.74
C ASN B 158 -23.88 5.03 -35.06
N SER B 159 -22.84 5.70 -34.59
CA SER B 159 -21.80 5.02 -33.84
C SER B 159 -21.31 5.85 -32.64
N GLN B 160 -20.79 5.15 -31.63
CA GLN B 160 -20.21 5.80 -30.46
C GLN B 160 -18.88 5.17 -30.09
N GLU B 161 -17.91 6.00 -29.73
CA GLU B 161 -16.60 5.51 -29.33
C GLU B 161 -16.43 5.62 -27.83
N SER B 162 -15.62 4.73 -27.26
CA SER B 162 -15.18 4.86 -25.88
C SER B 162 -13.70 4.55 -25.82
N VAL B 163 -12.98 5.28 -24.97
CA VAL B 163 -11.54 5.11 -24.88
C VAL B 163 -11.15 4.88 -23.42
N THR B 164 -10.25 3.91 -23.20
CA THR B 164 -9.75 3.63 -21.86
C THR B 164 -8.84 4.75 -21.38
N GLU B 165 -8.65 4.80 -20.06
CA GLU B 165 -7.66 5.70 -19.46
C GLU B 165 -6.28 5.21 -19.88
N GLN B 166 -5.32 6.12 -19.95
CA GLN B 166 -3.96 5.75 -20.31
C GLN B 166 -3.44 4.69 -19.35
N ASP B 167 -2.91 3.60 -19.90
CA ASP B 167 -2.44 2.48 -19.09
C ASP B 167 -1.26 2.87 -18.20
N SER B 168 -1.32 2.43 -16.94
CA SER B 168 -0.32 2.80 -15.94
C SER B 168 1.02 2.11 -16.14
N LYS B 169 1.02 1.01 -16.89
CA LYS B 169 2.25 0.26 -17.10
C LYS B 169 2.94 0.61 -18.43
N ASP B 170 2.19 0.59 -19.54
CA ASP B 170 2.80 0.87 -20.84
C ASP B 170 2.28 2.14 -21.54
N SER B 171 1.41 2.89 -20.86
CA SER B 171 1.01 4.22 -21.33
C SER B 171 0.26 4.22 -22.66
N THR B 172 -0.35 3.09 -23.01
CA THR B 172 -1.17 3.00 -24.22
C THR B 172 -2.65 3.16 -23.94
N TYR B 173 -3.43 3.29 -25.01
CA TYR B 173 -4.88 3.40 -24.92
C TYR B 173 -5.50 2.24 -25.66
N SER B 174 -6.77 1.97 -25.37
CA SER B 174 -7.58 1.10 -26.20
C SER B 174 -8.90 1.82 -26.48
N LEU B 175 -9.54 1.46 -27.58
CA LEU B 175 -10.73 2.17 -28.02
C LEU B 175 -11.72 1.17 -28.60
N SER B 176 -13.00 1.42 -28.37
CA SER B 176 -14.06 0.65 -28.99
C SER B 176 -15.00 1.59 -29.73
N SER B 177 -15.44 1.16 -30.92
CA SER B 177 -16.45 1.89 -31.66
C SER B 177 -17.63 0.96 -31.85
N THR B 178 -18.82 1.42 -31.50
CA THR B 178 -20.01 0.59 -31.62
C THR B 178 -20.98 1.17 -32.63
N LEU B 179 -21.24 0.42 -33.69
CA LEU B 179 -22.19 0.82 -34.71
C LEU B 179 -23.53 0.16 -34.39
N THR B 180 -24.55 0.98 -34.14
CA THR B 180 -25.86 0.44 -33.77
C THR B 180 -26.90 0.72 -34.85
N LEU B 181 -27.58 -0.34 -35.30
CA LEU B 181 -28.67 -0.21 -36.25
C LEU B 181 -29.75 -1.26 -35.99
N SER B 182 -30.96 -1.01 -36.49
CA SER B 182 -32.08 -1.91 -36.24
C SER B 182 -31.86 -3.24 -36.93
N LYS B 183 -32.52 -4.28 -36.44
CA LYS B 183 -32.41 -5.61 -37.02
C LYS B 183 -32.77 -5.54 -38.50
N ALA B 184 -33.80 -4.75 -38.81
CA ALA B 184 -34.25 -4.58 -40.18
C ALA B 184 -33.09 -4.16 -41.07
N ASP B 185 -32.41 -3.08 -40.66
CA ASP B 185 -31.32 -2.54 -41.46
C ASP B 185 -30.13 -3.49 -41.54
N TYR B 186 -29.78 -4.10 -40.41
CA TYR B 186 -28.67 -5.05 -40.39
C TYR B 186 -28.88 -6.17 -41.38
N GLU B 187 -30.14 -6.56 -41.56
CA GLU B 187 -30.50 -7.67 -42.44
C GLU B 187 -30.54 -7.25 -43.90
N LYS B 188 -30.76 -5.96 -44.14
CA LYS B 188 -30.66 -5.37 -45.48
C LYS B 188 -29.30 -5.70 -46.13
N HIS B 189 -28.22 -5.36 -45.44
CA HIS B 189 -26.88 -5.38 -46.03
C HIS B 189 -26.04 -6.60 -45.66
N LYS B 190 -24.90 -6.78 -46.35
CA LYS B 190 -24.08 -7.98 -46.20
C LYS B 190 -22.68 -7.76 -45.62
N VAL B 191 -21.97 -6.74 -46.12
CA VAL B 191 -20.58 -6.54 -45.72
C VAL B 191 -20.43 -5.45 -44.68
N TYR B 192 -19.88 -5.80 -43.53
CA TYR B 192 -19.67 -4.85 -42.45
C TYR B 192 -18.19 -4.66 -42.19
N ALA B 193 -17.74 -3.42 -42.24
CA ALA B 193 -16.31 -3.12 -42.23
C ALA B 193 -15.95 -1.95 -41.33
N CYS B 194 -14.87 -2.15 -40.57
CA CYS B 194 -14.30 -1.12 -39.71
C CYS B 194 -12.98 -0.69 -40.33
N GLU B 195 -12.86 0.57 -40.73
CA GLU B 195 -11.61 1.07 -41.28
C GLU B 195 -10.92 2.02 -40.31
N VAL B 196 -9.72 1.63 -39.89
CA VAL B 196 -8.98 2.39 -38.88
C VAL B 196 -7.80 3.14 -39.48
N THR B 197 -7.71 4.42 -39.15
CA THR B 197 -6.60 5.27 -39.54
C THR B 197 -5.84 5.73 -38.30
N HIS B 198 -4.52 5.60 -38.34
CA HIS B 198 -3.70 5.89 -37.17
C HIS B 198 -2.23 6.10 -37.56
N GLN B 199 -1.55 6.95 -36.80
CA GLN B 199 -0.19 7.37 -37.11
C GLN B 199 0.79 6.20 -37.18
N GLY B 200 0.48 5.12 -36.48
CA GLY B 200 1.36 3.96 -36.43
C GLY B 200 1.11 2.98 -37.56
N LEU B 201 0.13 3.28 -38.41
CA LEU B 201 -0.18 2.45 -39.57
C LEU B 201 0.22 3.18 -40.83
N SER B 202 0.93 2.51 -41.73
CA SER B 202 1.38 3.14 -42.97
C SER B 202 0.20 3.48 -43.88
N SER B 203 -0.89 2.74 -43.71
CA SER B 203 -2.14 3.04 -44.42
C SER B 203 -3.30 2.41 -43.67
N PRO B 204 -4.52 2.91 -43.89
CA PRO B 204 -5.69 2.46 -43.12
C PRO B 204 -5.84 0.95 -43.13
N VAL B 205 -6.19 0.39 -41.97
CA VAL B 205 -6.44 -1.04 -41.83
C VAL B 205 -7.93 -1.28 -41.82
N THR B 206 -8.39 -2.29 -42.58
CA THR B 206 -9.80 -2.64 -42.58
C THR B 206 -10.02 -4.06 -42.06
N LYS B 207 -10.95 -4.18 -41.13
CA LYS B 207 -11.44 -5.47 -40.69
C LYS B 207 -12.91 -5.52 -41.06
N SER B 208 -13.35 -6.64 -41.64
CA SER B 208 -14.76 -6.79 -41.99
C SER B 208 -15.25 -8.21 -41.83
N PHE B 209 -16.56 -8.38 -42.02
CA PHE B 209 -17.16 -9.71 -42.09
C PHE B 209 -18.38 -9.68 -42.99
N ASN B 210 -18.81 -10.86 -43.43
CA ASN B 210 -20.03 -11.01 -44.19
C ASN B 210 -21.12 -11.54 -43.27
N ARG B 211 -22.27 -10.89 -43.27
CA ARG B 211 -23.36 -11.25 -42.38
C ARG B 211 -23.77 -12.73 -42.52
N GLY B 212 -23.80 -13.42 -41.39
CA GLY B 212 -24.17 -14.83 -41.35
C GLY B 212 -23.12 -15.79 -41.88
N GLU B 213 -21.85 -15.49 -41.58
CA GLU B 213 -20.75 -16.35 -42.01
C GLU B 213 -19.79 -16.59 -40.85
N PCA C 1 -7.23 -5.84 -2.47
CA PCA C 1 -6.43 -7.10 -2.30
CB PCA C 1 -4.94 -6.82 -2.39
CG PCA C 1 -4.78 -5.33 -2.63
CD PCA C 1 -6.20 -4.81 -2.66
OE PCA C 1 -6.44 -3.62 -2.85
C PCA C 1 -6.70 -7.77 -0.95
O PCA C 1 -7.15 -7.14 0.00
N VAL C 2 -6.40 -9.07 -0.89
CA VAL C 2 -6.52 -9.83 0.35
C VAL C 2 -5.52 -9.31 1.37
N GLN C 3 -5.90 -9.32 2.64
CA GLN C 3 -4.99 -8.94 3.71
C GLN C 3 -4.90 -10.07 4.72
N LEU C 4 -3.73 -10.22 5.33
CA LEU C 4 -3.49 -11.30 6.27
C LEU C 4 -3.04 -10.75 7.60
N GLN C 5 -3.40 -11.42 8.67
CA GLN C 5 -2.93 -11.04 10.00
C GLN C 5 -2.76 -12.27 10.87
N GLU C 6 -1.52 -12.55 11.25
CA GLU C 6 -1.22 -13.71 12.07
C GLU C 6 -1.40 -13.34 13.53
N SER C 7 -1.63 -14.35 14.36
CA SER C 7 -1.65 -14.16 15.81
C SER C 7 -1.35 -15.50 16.47
N GLY C 8 -1.14 -15.47 17.78
CA GLY C 8 -1.00 -16.70 18.54
C GLY C 8 0.42 -16.92 19.02
N GLY C 9 1.35 -16.10 18.56
CA GLY C 9 2.73 -16.25 18.95
C GLY C 9 2.88 -15.96 20.42
N GLY C 10 3.95 -16.45 21.03
CA GLY C 10 4.24 -16.18 22.42
C GLY C 10 5.43 -17.01 22.89
N LEU C 11 5.66 -17.00 24.19
CA LEU C 11 6.75 -17.77 24.77
C LEU C 11 6.27 -19.14 25.24
N VAL C 12 7.01 -20.19 24.86
CA VAL C 12 6.69 -21.54 25.29
C VAL C 12 7.94 -22.36 25.63
N GLN C 13 7.74 -23.34 26.51
CA GLN C 13 8.80 -24.25 26.95
C GLN C 13 9.16 -25.20 25.82
N PRO C 14 10.43 -25.67 25.78
CA PRO C 14 10.73 -26.71 24.79
C PRO C 14 9.87 -27.93 25.04
N GLY C 15 9.34 -28.56 23.99
CA GLY C 15 8.51 -29.73 24.14
C GLY C 15 7.02 -29.42 24.11
N GLU C 16 6.65 -28.18 24.41
CA GLU C 16 5.25 -27.79 24.44
C GLU C 16 4.66 -27.58 23.05
N SER C 17 3.36 -27.30 23.02
CA SER C 17 2.64 -27.10 21.77
C SER C 17 2.13 -25.65 21.70
N LEU C 18 1.70 -25.25 20.51
CA LEU C 18 1.24 -23.89 20.28
C LEU C 18 0.52 -23.82 18.94
N ARG C 19 -0.61 -23.11 18.91
N ARG C 19 -0.59 -23.08 18.92
CA ARG C 19 -1.42 -23.00 17.70
CA ARG C 19 -1.41 -22.97 17.72
C ARG C 19 -1.40 -21.57 17.19
C ARG C 19 -1.39 -21.55 17.18
N LEU C 20 -0.87 -21.38 15.98
CA LEU C 20 -0.88 -20.07 15.34
C LEU C 20 -2.10 -19.98 14.43
N SER C 21 -2.60 -18.77 14.24
CA SER C 21 -3.68 -18.57 13.30
C SER C 21 -3.44 -17.36 12.42
N CYS C 22 -4.15 -17.29 11.30
CA CYS C 22 -3.99 -16.23 10.34
C CYS C 22 -5.37 -15.97 9.75
N VAL C 23 -5.83 -14.73 9.86
CA VAL C 23 -7.17 -14.38 9.41
C VAL C 23 -7.10 -13.53 8.16
N GLY C 24 -7.87 -13.93 7.15
CA GLY C 24 -7.94 -13.17 5.92
C GLY C 24 -9.06 -12.14 5.95
N SER C 25 -8.80 -10.98 5.36
CA SER C 25 -9.81 -9.96 5.16
C SER C 25 -9.60 -9.32 3.79
N GLY C 26 -10.35 -8.28 3.49
CA GLY C 26 -10.28 -7.65 2.19
C GLY C 26 -10.71 -8.60 1.09
N SER C 27 -10.33 -8.29 -0.15
CA SER C 27 -10.71 -9.13 -1.28
C SER C 27 -9.95 -8.71 -2.54
N SER C 28 -9.84 -9.64 -3.48
CA SER C 28 -9.12 -9.38 -4.73
C SER C 28 -10.09 -9.43 -5.91
N PHE C 29 -9.60 -9.86 -7.06
CA PHE C 29 -10.39 -9.87 -8.28
C PHE C 29 -11.64 -10.74 -8.15
N GLY C 30 -12.73 -10.28 -8.74
CA GLY C 30 -14.00 -10.97 -8.65
C GLY C 30 -14.47 -11.13 -7.22
N GLU C 31 -14.06 -10.19 -6.37
CA GLU C 31 -14.41 -10.21 -4.96
C GLU C 31 -13.96 -11.50 -4.28
N SER C 32 -12.88 -12.09 -4.78
CA SER C 32 -12.33 -13.31 -4.22
C SER C 32 -11.74 -13.02 -2.84
N THR C 33 -11.86 -13.99 -1.95
CA THR C 33 -11.29 -13.87 -0.61
C THR C 33 -10.23 -14.95 -0.41
N LEU C 34 -9.66 -15.00 0.79
CA LEU C 34 -8.55 -15.92 1.07
C LEU C 34 -8.86 -17.38 0.74
N SER C 35 -10.12 -17.77 0.91
CA SER C 35 -10.50 -19.17 0.71
C SER C 35 -10.49 -19.57 -0.77
N TYR C 36 -10.19 -18.63 -1.66
CA TYR C 36 -10.02 -18.95 -3.06
C TYR C 36 -8.58 -19.35 -3.38
N TYR C 37 -7.68 -19.18 -2.42
CA TYR C 37 -6.25 -19.33 -2.70
C TYR C 37 -5.57 -20.37 -1.82
N ALA C 38 -4.50 -20.96 -2.36
CA ALA C 38 -3.57 -21.74 -1.57
C ALA C 38 -2.72 -20.81 -0.72
N VAL C 39 -2.26 -21.31 0.42
CA VAL C 39 -1.54 -20.50 1.39
C VAL C 39 -0.44 -21.32 2.03
N SER C 40 0.68 -20.67 2.35
CA SER C 40 1.78 -21.33 3.03
C SER C 40 2.09 -20.65 4.34
N TRP C 41 2.77 -21.37 5.23
CA TRP C 41 3.40 -20.76 6.39
C TRP C 41 4.90 -20.69 6.14
N VAL C 42 5.49 -19.57 6.51
CA VAL C 42 6.91 -19.33 6.27
C VAL C 42 7.44 -18.66 7.53
N ARG C 43 8.66 -19.00 7.94
CA ARG C 43 9.22 -18.39 9.13
C ARG C 43 10.58 -17.81 8.90
N GLN C 44 11.03 -17.01 9.87
CA GLN C 44 12.28 -16.31 9.78
C GLN C 44 12.91 -16.25 11.16
N ALA C 45 13.96 -17.03 11.37
CA ALA C 45 14.63 -17.06 12.66
C ALA C 45 15.36 -15.73 12.83
N PRO C 46 15.69 -15.37 14.07
CA PRO C 46 16.29 -14.07 14.35
C PRO C 46 17.57 -13.83 13.54
N GLY C 47 17.61 -12.75 12.78
CA GLY C 47 18.77 -12.39 11.99
C GLY C 47 19.01 -13.24 10.76
N LYS C 48 18.08 -14.15 10.45
CA LYS C 48 18.27 -15.07 9.34
C LYS C 48 17.33 -14.79 8.17
N GLY C 49 17.38 -15.65 7.16
CA GLY C 49 16.51 -15.53 6.00
C GLY C 49 15.17 -16.22 6.18
N LEU C 50 14.53 -16.53 5.06
CA LEU C 50 13.18 -17.11 5.07
C LEU C 50 13.17 -18.62 4.82
N GLU C 51 12.33 -19.33 5.57
CA GLU C 51 12.22 -20.78 5.45
C GLU C 51 10.75 -21.20 5.28
N TRP C 52 10.44 -21.80 4.14
CA TRP C 52 9.08 -22.29 3.89
C TRP C 52 8.80 -23.50 4.78
N LEU C 53 7.60 -23.55 5.36
CA LEU C 53 7.25 -24.63 6.28
C LEU C 53 6.20 -25.59 5.74
N SER C 54 5.15 -25.05 5.12
CA SER C 54 4.00 -25.86 4.78
C SER C 54 3.06 -25.14 3.85
N ILE C 55 2.35 -25.90 3.03
CA ILE C 55 1.39 -25.35 2.08
C ILE C 55 0.10 -26.12 2.17
N ILE C 56 -1.01 -25.45 1.90
CA ILE C 56 -2.31 -26.09 1.86
C ILE C 56 -3.12 -25.43 0.76
N ASN C 57 -3.85 -26.24 -0.01
CA ASN C 57 -4.60 -25.73 -1.14
C ASN C 57 -5.88 -25.07 -0.65
N ALA C 58 -6.53 -24.31 -1.53
CA ALA C 58 -7.71 -23.54 -1.15
C ALA C 58 -8.75 -24.42 -0.44
N GLY C 59 -8.97 -25.62 -0.96
CA GLY C 59 -9.98 -26.51 -0.42
C GLY C 59 -9.52 -27.40 0.71
N GLY C 60 -8.26 -27.25 1.13
CA GLY C 60 -7.76 -27.99 2.28
C GLY C 60 -6.87 -29.18 1.96
N GLY C 61 -6.71 -29.48 0.68
CA GLY C 61 -5.92 -30.64 0.27
C GLY C 61 -4.51 -30.30 -0.19
N ASP C 62 -3.84 -31.30 -0.76
CA ASP C 62 -2.52 -31.12 -1.34
C ASP C 62 -1.52 -30.54 -0.35
N ILE C 63 -1.63 -30.96 0.91
CA ILE C 63 -0.75 -30.47 1.96
C ILE C 63 0.65 -31.06 1.83
N ASP C 64 1.66 -30.22 2.09
CA ASP C 64 3.03 -30.71 2.20
C ASP C 64 3.81 -29.92 3.25
N TYR C 65 4.89 -30.51 3.74
CA TYR C 65 5.70 -29.91 4.81
C TYR C 65 7.18 -29.94 4.48
N ALA C 66 7.92 -28.95 4.96
CA ALA C 66 9.38 -29.01 4.94
C ALA C 66 9.81 -30.10 5.92
N ASP C 67 10.92 -30.76 5.62
CA ASP C 67 11.41 -31.84 6.47
C ASP C 67 11.64 -31.41 7.92
N SER C 68 12.02 -30.15 8.11
CA SER C 68 12.37 -29.65 9.43
C SER C 68 11.20 -29.60 10.41
N VAL C 69 9.98 -29.63 9.88
CA VAL C 69 8.79 -29.61 10.72
C VAL C 69 7.78 -30.71 10.39
N GLU C 70 8.10 -31.54 9.41
CA GLU C 70 7.20 -32.64 9.05
C GLU C 70 7.07 -33.54 10.27
N GLY C 71 5.83 -33.86 10.64
CA GLY C 71 5.59 -34.78 11.75
C GLY C 71 5.39 -34.08 13.08
N ARG C 72 5.61 -32.77 13.11
CA ARG C 72 5.41 -31.99 14.34
C ARG C 72 4.35 -30.91 14.14
N PHE C 73 4.32 -30.34 12.94
CA PHE C 73 3.41 -29.24 12.63
C PHE C 73 2.27 -29.75 11.77
N THR C 74 1.10 -29.15 11.93
CA THR C 74 -0.06 -29.52 11.11
C THR C 74 -0.73 -28.27 10.58
N ILE C 75 -0.86 -28.19 9.26
CA ILE C 75 -1.53 -27.05 8.65
C ILE C 75 -2.98 -27.43 8.37
N SER C 76 -3.88 -26.47 8.59
CA SER C 76 -5.29 -26.66 8.29
C SER C 76 -5.94 -25.32 8.07
N ARG C 77 -7.20 -25.32 7.66
CA ARG C 77 -7.91 -24.07 7.44
C ARG C 77 -9.41 -24.21 7.65
N ASP C 78 -10.03 -23.13 8.09
CA ASP C 78 -11.47 -23.04 8.23
C ASP C 78 -11.96 -21.91 7.34
N ASN C 79 -12.45 -22.28 6.15
CA ASN C 79 -12.83 -21.28 5.16
C ASN C 79 -14.08 -20.50 5.52
N SER C 80 -14.91 -21.07 6.39
CA SER C 80 -16.10 -20.36 6.86
C SER C 80 -15.68 -19.13 7.69
N LYS C 81 -14.49 -19.19 8.27
CA LYS C 81 -13.96 -18.07 9.03
C LYS C 81 -12.82 -17.38 8.28
N GLU C 82 -12.56 -17.82 7.05
CA GLU C 82 -11.42 -17.32 6.29
C GLU C 82 -10.16 -17.34 7.15
N THR C 83 -9.96 -18.43 7.88
CA THR C 83 -8.85 -18.51 8.83
C THR C 83 -7.96 -19.71 8.56
N LEU C 84 -6.65 -19.49 8.66
CA LEU C 84 -5.67 -20.57 8.56
C LEU C 84 -5.03 -20.86 9.90
N TYR C 85 -4.60 -22.10 10.09
CA TYR C 85 -4.00 -22.53 11.33
C TYR C 85 -2.70 -23.29 11.10
N LEU C 86 -1.79 -23.13 12.05
CA LEU C 86 -0.60 -23.97 12.12
C LEU C 86 -0.51 -24.51 13.54
N GLN C 87 -0.76 -25.80 13.69
CA GLN C 87 -0.64 -26.45 14.99
C GLN C 87 0.77 -26.98 15.15
N MET C 88 1.53 -26.41 16.08
CA MET C 88 2.89 -26.84 16.33
C MET C 88 2.94 -27.69 17.58
N THR C 89 3.66 -28.81 17.50
CA THR C 89 3.88 -29.65 18.68
C THR C 89 5.36 -29.95 18.82
N ASN C 90 5.75 -30.47 19.98
N ASN C 90 5.74 -30.47 19.98
CA ASN C 90 7.13 -30.84 20.25
CA ASN C 90 7.13 -30.84 20.25
C ASN C 90 8.12 -29.76 19.81
C ASN C 90 8.09 -29.76 19.78
N LEU C 91 7.82 -28.53 20.20
CA LEU C 91 8.64 -27.39 19.80
C LEU C 91 10.07 -27.48 20.34
N ARG C 92 11.03 -26.95 19.59
CA ARG C 92 12.40 -26.88 20.04
C ARG C 92 12.90 -25.45 19.96
N VAL C 93 14.04 -25.19 20.59
CA VAL C 93 14.60 -23.85 20.63
C VAL C 93 14.81 -23.25 19.24
N GLU C 94 15.18 -24.08 18.28
CA GLU C 94 15.50 -23.59 16.95
C GLU C 94 14.26 -23.34 16.09
N ASP C 95 13.08 -23.59 16.66
CA ASP C 95 11.83 -23.23 16.02
C ASP C 95 11.50 -21.77 16.31
N THR C 96 12.32 -21.13 17.14
CA THR C 96 12.13 -19.73 17.50
C THR C 96 12.22 -18.85 16.27
N GLY C 97 11.30 -17.89 16.15
CA GLY C 97 11.34 -16.94 15.05
C GLY C 97 10.00 -16.29 14.78
N VAL C 98 9.95 -15.46 13.74
CA VAL C 98 8.69 -14.85 13.31
C VAL C 98 8.01 -15.74 12.29
N TYR C 99 6.73 -16.00 12.50
CA TYR C 99 5.98 -16.84 11.59
C TYR C 99 5.02 -16.01 10.74
N TYR C 100 5.13 -16.19 9.43
CA TYR C 100 4.30 -15.50 8.46
C TYR C 100 3.38 -16.49 7.77
N CYS C 101 2.14 -16.08 7.54
CA CYS C 101 1.30 -16.76 6.56
C CYS C 101 1.36 -15.96 5.26
N ALA C 102 1.35 -16.68 4.15
CA ALA C 102 1.64 -16.08 2.85
C ALA C 102 0.78 -16.71 1.78
N LYS C 103 0.01 -15.86 1.10
CA LYS C 103 -0.91 -16.31 0.06
C LYS C 103 -0.20 -16.49 -1.28
N HIS C 104 -0.47 -17.60 -1.96
CA HIS C 104 0.05 -17.86 -3.31
C HIS C 104 -0.88 -17.12 -4.27
N MET C 105 -0.38 -16.61 -5.39
CA MET C 105 -1.22 -15.73 -6.21
C MET C 105 -2.29 -16.41 -7.07
N SER C 106 -2.08 -17.63 -7.55
CA SER C 106 -3.03 -18.21 -8.48
C SER C 106 -4.31 -18.64 -7.78
N MET C 107 -5.44 -18.27 -8.37
CA MET C 107 -6.75 -18.68 -7.88
C MET C 107 -6.87 -20.20 -7.99
N GLN C 108 -7.30 -20.84 -6.92
CA GLN C 108 -7.32 -22.30 -6.86
C GLN C 108 -8.73 -22.90 -6.83
N GLN C 109 -9.70 -22.14 -6.32
CA GLN C 109 -11.08 -22.60 -6.35
C GLN C 109 -12.08 -21.45 -6.32
N VAL C 110 -13.23 -21.69 -6.94
CA VAL C 110 -14.36 -20.77 -6.88
C VAL C 110 -15.58 -21.61 -6.50
N VAL C 111 -15.94 -21.58 -5.23
CA VAL C 111 -17.02 -22.42 -4.72
C VAL C 111 -18.35 -22.09 -5.41
N SER C 112 -18.59 -20.81 -5.64
CA SER C 112 -19.86 -20.36 -6.23
C SER C 112 -20.02 -20.87 -7.67
N ALA C 113 -18.93 -21.31 -8.28
CA ALA C 113 -18.99 -21.86 -9.64
C ALA C 113 -18.71 -23.36 -9.68
N GLY C 114 -18.58 -23.99 -8.53
CA GLY C 114 -18.18 -25.38 -8.46
C GLY C 114 -16.89 -25.69 -9.20
N TRP C 115 -16.02 -24.71 -9.33
CA TRP C 115 -14.75 -24.89 -10.02
C TRP C 115 -13.57 -25.05 -9.06
N GLU C 116 -12.67 -25.97 -9.40
CA GLU C 116 -11.43 -26.16 -8.66
C GLU C 116 -10.30 -26.43 -9.63
N ARG C 117 -9.24 -25.64 -9.55
CA ARG C 117 -8.08 -25.85 -10.41
C ARG C 117 -7.59 -27.28 -10.20
N ALA C 118 -7.22 -27.92 -11.30
CA ALA C 118 -6.77 -29.31 -11.28
C ALA C 118 -5.49 -29.47 -10.46
N ASP C 119 -4.64 -28.46 -10.51
CA ASP C 119 -3.32 -28.55 -9.89
C ASP C 119 -3.08 -27.43 -8.88
N LEU C 120 -2.25 -27.72 -7.90
CA LEU C 120 -1.78 -26.72 -6.94
C LEU C 120 -0.59 -25.99 -7.55
N VAL C 121 -0.79 -24.73 -7.93
CA VAL C 121 0.25 -23.97 -8.61
C VAL C 121 1.42 -23.63 -7.70
N GLY C 122 1.13 -23.07 -6.53
CA GLY C 122 2.16 -22.71 -5.57
C GLY C 122 3.09 -21.63 -6.10
N ASP C 123 2.54 -20.70 -6.87
CA ASP C 123 3.32 -19.59 -7.40
C ASP C 123 3.56 -18.50 -6.33
N ALA C 124 3.89 -17.29 -6.78
CA ALA C 124 4.49 -16.28 -5.91
C ALA C 124 3.62 -15.88 -4.71
N PHE C 125 4.28 -15.55 -3.61
CA PHE C 125 3.61 -15.09 -2.40
C PHE C 125 3.27 -13.61 -2.56
N ASP C 126 2.07 -13.32 -3.06
CA ASP C 126 1.71 -11.94 -3.36
C ASP C 126 1.21 -11.16 -2.16
N VAL C 127 0.81 -11.86 -1.09
CA VAL C 127 0.43 -11.21 0.16
C VAL C 127 1.00 -11.93 1.39
N TRP C 128 1.66 -11.17 2.25
CA TRP C 128 2.18 -11.68 3.52
C TRP C 128 1.53 -10.94 4.68
N GLY C 129 1.40 -11.61 5.81
CA GLY C 129 1.02 -10.94 7.04
C GLY C 129 2.18 -10.18 7.63
N GLN C 130 1.96 -9.55 8.79
CA GLN C 130 3.01 -8.78 9.45
C GLN C 130 3.87 -9.71 10.30
N GLY C 131 3.39 -10.94 10.49
CA GLY C 131 4.13 -11.95 11.21
C GLY C 131 3.80 -11.98 12.70
N THR C 132 4.00 -13.14 13.31
CA THR C 132 3.82 -13.29 14.75
C THR C 132 5.04 -13.99 15.35
N MET C 133 5.53 -13.46 16.46
CA MET C 133 6.78 -13.94 17.05
C MET C 133 6.54 -15.13 17.96
N VAL C 134 7.31 -16.19 17.73
CA VAL C 134 7.29 -17.37 18.58
C VAL C 134 8.66 -17.52 19.21
N THR C 135 8.71 -17.56 20.54
CA THR C 135 9.96 -17.83 21.23
C THR C 135 9.88 -19.11 22.03
N VAL C 136 10.80 -20.02 21.76
CA VAL C 136 10.87 -21.30 22.46
C VAL C 136 12.09 -21.31 23.35
N SER C 137 11.87 -21.25 24.67
CA SER C 137 12.96 -21.14 25.62
C SER C 137 12.59 -21.72 26.98
N SER C 138 13.60 -22.22 27.69
CA SER C 138 13.42 -22.74 29.03
C SER C 138 13.20 -21.59 30.01
N ALA C 139 13.68 -20.40 29.66
CA ALA C 139 13.66 -19.27 30.58
C ALA C 139 12.24 -18.76 30.75
N SER C 140 11.95 -18.25 31.95
CA SER C 140 10.63 -17.72 32.24
C SER C 140 10.58 -16.25 31.83
N THR C 141 9.38 -15.77 31.53
CA THR C 141 9.22 -14.37 31.13
C THR C 141 9.58 -13.43 32.28
N LYS C 142 10.21 -12.32 31.92
CA LYS C 142 10.42 -11.21 32.84
C LYS C 142 10.08 -9.88 32.17
N GLY C 143 9.27 -9.07 32.84
CA GLY C 143 8.85 -7.79 32.30
C GLY C 143 9.91 -6.73 32.52
N PRO C 144 9.91 -5.69 31.68
CA PRO C 144 10.96 -4.67 31.68
C PRO C 144 10.85 -3.65 32.80
N SER C 145 12.01 -3.18 33.26
CA SER C 145 12.09 -1.96 34.04
C SER C 145 12.28 -0.82 33.07
N VAL C 146 11.58 0.30 33.29
CA VAL C 146 11.69 1.45 32.40
C VAL C 146 12.24 2.65 33.16
N PHE C 147 13.37 3.17 32.70
CA PHE C 147 14.01 4.30 33.36
C PHE C 147 14.10 5.47 32.41
N PRO C 148 13.91 6.70 32.93
CA PRO C 148 13.97 7.85 32.02
C PRO C 148 15.41 8.17 31.65
N LEU C 149 15.60 8.61 30.40
CA LEU C 149 16.86 9.20 29.97
C LEU C 149 16.61 10.69 29.88
N ALA C 150 17.08 11.42 30.89
CA ALA C 150 16.63 12.79 31.11
C ALA C 150 17.53 13.82 30.42
N PRO C 151 16.93 14.73 29.66
CA PRO C 151 17.62 15.86 29.02
C PRO C 151 18.09 16.87 30.07
N SER C 152 19.23 17.50 29.85
CA SER C 152 19.76 18.45 30.83
C SER C 152 20.17 19.73 30.11
N SER C 153 20.27 20.82 30.85
CA SER C 153 20.75 22.07 30.26
C SER C 153 22.19 21.89 29.81
N LYS C 154 22.52 22.44 28.65
CA LYS C 154 23.86 22.33 28.08
C LYS C 154 24.02 21.00 27.33
N SER C 155 22.95 20.21 27.33
CA SER C 155 22.93 18.93 26.63
C SER C 155 22.67 19.15 25.14
N THR C 156 22.34 20.37 24.78
CA THR C 156 22.04 20.73 23.39
C THR C 156 23.20 20.46 22.43
N SER C 157 22.86 19.81 21.32
CA SER C 157 23.79 19.49 20.26
C SER C 157 23.02 19.53 18.95
N GLY C 158 23.61 20.17 17.94
CA GLY C 158 22.82 20.67 16.84
C GLY C 158 21.99 21.81 17.41
N GLY C 159 20.75 21.94 16.98
CA GLY C 159 19.84 22.89 17.61
C GLY C 159 18.79 22.19 18.44
N THR C 160 19.05 20.93 18.79
CA THR C 160 18.04 20.08 19.40
C THR C 160 18.42 19.54 20.77
N ALA C 161 17.40 19.09 21.50
CA ALA C 161 17.59 18.39 22.77
C ALA C 161 17.14 16.95 22.55
N ALA C 162 17.67 16.03 23.35
CA ALA C 162 17.28 14.63 23.24
C ALA C 162 16.82 14.10 24.59
N LEU C 163 15.80 13.25 24.56
CA LEU C 163 15.35 12.55 25.76
C LEU C 163 14.85 11.17 25.37
N GLY C 164 14.64 10.31 26.35
CA GLY C 164 14.32 8.92 26.04
C GLY C 164 13.92 8.06 27.22
N CYS C 165 13.78 6.77 26.93
CA CYS C 165 13.47 5.76 27.93
C CYS C 165 14.44 4.61 27.76
N LEU C 166 14.96 4.12 28.87
CA LEU C 166 15.78 2.92 28.86
C LEU C 166 14.89 1.75 29.30
N VAL C 167 14.66 0.81 28.38
CA VAL C 167 13.82 -0.35 28.67
C VAL C 167 14.69 -1.58 28.92
N LYS C 168 14.85 -1.93 30.19
CA LYS C 168 15.92 -2.85 30.60
C LYS C 168 15.44 -4.15 31.25
N ASP C 169 16.17 -5.23 30.96
CA ASP C 169 16.04 -6.50 31.68
C ASP C 169 14.69 -7.18 31.49
N TYR C 170 14.37 -7.53 30.25
CA TYR C 170 13.12 -8.22 29.95
C TYR C 170 13.36 -9.46 29.09
N PHE C 171 12.39 -10.38 29.09
CA PHE C 171 12.46 -11.57 28.26
C PHE C 171 11.06 -12.15 28.10
N PRO C 172 10.72 -12.62 26.89
CA PRO C 172 11.55 -12.57 25.68
C PRO C 172 11.24 -11.34 24.88
N GLU C 173 11.73 -11.29 23.64
CA GLU C 173 11.33 -10.25 22.71
C GLU C 173 9.88 -10.54 22.33
N PRO C 174 9.12 -9.50 21.97
CA PRO C 174 9.59 -8.12 21.83
C PRO C 174 8.83 -7.15 22.71
N VAL C 175 9.34 -5.92 22.80
CA VAL C 175 8.61 -4.83 23.42
C VAL C 175 8.32 -3.78 22.37
N THR C 176 7.16 -3.15 22.45
CA THR C 176 6.85 -2.02 21.60
C THR C 176 6.92 -0.74 22.42
N VAL C 177 7.40 0.33 21.81
CA VAL C 177 7.45 1.62 22.48
C VAL C 177 6.84 2.68 21.58
N SER C 178 5.94 3.49 22.16
CA SER C 178 5.41 4.66 21.48
C SER C 178 5.61 5.86 22.39
N TRP C 179 5.36 7.06 21.89
CA TRP C 179 5.55 8.27 22.68
C TRP C 179 4.27 9.11 22.67
N ASN C 180 3.86 9.54 23.87
CA ASN C 180 2.62 10.28 24.04
C ASN C 180 1.48 9.57 23.32
N SER C 181 1.41 8.25 23.53
CA SER C 181 0.30 7.44 23.03
C SER C 181 0.24 7.43 21.51
N GLY C 182 1.36 7.78 20.87
CA GLY C 182 1.45 7.80 19.43
C GLY C 182 1.21 9.18 18.83
N ALA C 183 0.96 10.16 19.69
CA ALA C 183 0.78 11.53 19.22
C ALA C 183 2.11 12.13 18.79
N LEU C 184 3.20 11.60 19.32
CA LEU C 184 4.54 12.08 18.99
C LEU C 184 5.32 11.01 18.22
N THR C 185 5.62 11.29 16.97
CA THR C 185 6.33 10.32 16.12
C THR C 185 7.58 10.88 15.42
N SER C 186 7.58 12.17 15.14
CA SER C 186 8.74 12.80 14.49
C SER C 186 9.97 12.76 15.38
N GLY C 187 11.08 12.28 14.81
CA GLY C 187 12.35 12.28 15.51
C GLY C 187 12.49 11.18 16.53
N VAL C 188 11.68 10.14 16.42
CA VAL C 188 11.76 9.00 17.34
C VAL C 188 12.67 7.91 16.78
N HIS C 189 13.57 7.42 17.62
CA HIS C 189 14.36 6.25 17.29
C HIS C 189 14.24 5.22 18.40
N THR C 190 13.79 4.02 18.06
CA THR C 190 13.80 2.91 18.99
C THR C 190 14.85 1.90 18.55
N PHE C 191 15.87 1.74 19.37
CA PHE C 191 17.01 0.91 19.01
C PHE C 191 16.66 -0.57 19.08
N PRO C 192 17.32 -1.37 18.24
CA PRO C 192 17.22 -2.83 18.36
C PRO C 192 17.66 -3.29 19.75
N ALA C 193 16.97 -4.29 20.28
CA ALA C 193 17.32 -4.83 21.58
C ALA C 193 18.69 -5.49 21.53
N VAL C 194 19.41 -5.42 22.65
CA VAL C 194 20.68 -6.13 22.78
C VAL C 194 20.52 -7.16 23.88
N LEU C 195 21.02 -8.37 23.63
CA LEU C 195 21.02 -9.40 24.66
C LEU C 195 22.20 -9.15 25.59
N GLN C 196 21.91 -9.04 26.89
CA GLN C 196 22.94 -8.82 27.89
C GLN C 196 23.50 -10.14 28.40
N SER C 197 24.61 -10.07 29.12
CA SER C 197 25.25 -11.27 29.67
C SER C 197 24.31 -11.98 30.63
N SER C 198 23.45 -11.22 31.31
CA SER C 198 22.45 -11.77 32.20
C SER C 198 21.45 -12.69 31.50
N GLY C 199 21.41 -12.63 30.17
CA GLY C 199 20.43 -13.39 29.40
C GLY C 199 19.13 -12.61 29.20
N LEU C 200 19.10 -11.37 29.67
CA LEU C 200 17.94 -10.52 29.49
C LEU C 200 18.21 -9.46 28.43
N TYR C 201 17.13 -8.97 27.79
CA TYR C 201 17.25 -7.94 26.77
C TYR C 201 17.19 -6.52 27.32
N SER C 202 17.78 -5.60 26.57
CA SER C 202 17.75 -4.19 26.91
C SER C 202 17.66 -3.37 25.64
N LEU C 203 16.94 -2.26 25.73
CA LEU C 203 16.68 -1.43 24.57
C LEU C 203 16.46 0.00 25.04
N SER C 204 16.79 0.96 24.17
CA SER C 204 16.50 2.36 24.46
C SER C 204 15.62 2.92 23.35
N SER C 205 14.74 3.85 23.72
CA SER C 205 14.01 4.63 22.74
C SER C 205 14.28 6.08 23.05
N VAL C 206 14.57 6.85 22.01
CA VAL C 206 14.86 8.26 22.19
C VAL C 206 14.07 9.13 21.23
N VAL C 207 13.94 10.40 21.58
CA VAL C 207 13.30 11.36 20.70
C VAL C 207 14.07 12.65 20.81
N THR C 208 14.24 13.33 19.69
CA THR C 208 14.93 14.61 19.70
C THR C 208 13.94 15.73 19.45
N VAL C 209 13.96 16.72 20.33
CA VAL C 209 13.05 17.83 20.16
C VAL C 209 13.80 19.15 20.22
N PRO C 210 13.44 20.08 19.33
CA PRO C 210 14.06 21.41 19.29
C PRO C 210 14.12 21.96 20.71
N SER C 211 15.14 22.76 21.04
CA SER C 211 15.28 23.30 22.39
C SER C 211 14.23 22.89 23.42
N GLN C 217 8.32 20.49 27.94
CA GLN C 217 6.97 19.98 27.67
C GLN C 217 6.73 18.68 28.42
N THR C 218 5.69 17.96 28.01
CA THR C 218 5.27 16.72 28.66
C THR C 218 5.54 15.52 27.77
N TYR C 219 6.52 14.70 28.13
CA TYR C 219 6.89 13.55 27.30
C TYR C 219 6.76 12.25 28.08
N ILE C 220 5.97 11.34 27.52
CA ILE C 220 5.68 10.07 28.14
C ILE C 220 5.95 8.97 27.13
N CYS C 221 6.68 7.94 27.55
CA CYS C 221 6.89 6.80 26.67
C CYS C 221 6.04 5.64 27.13
N ASN C 222 5.37 5.00 26.18
CA ASN C 222 4.47 3.91 26.50
C ASN C 222 5.14 2.61 26.09
N VAL C 223 5.46 1.79 27.09
CA VAL C 223 6.17 0.56 26.86
C VAL C 223 5.22 -0.62 27.06
N ASN C 224 5.20 -1.52 26.09
CA ASN C 224 4.36 -2.70 26.18
C ASN C 224 5.16 -3.98 25.99
N HIS C 225 5.00 -4.89 26.92
CA HIS C 225 5.61 -6.20 26.82
C HIS C 225 4.53 -7.23 27.09
N LYS C 226 3.89 -7.69 26.01
CA LYS C 226 2.75 -8.59 26.11
C LYS C 226 3.05 -9.91 26.80
N PRO C 227 4.24 -10.49 26.57
CA PRO C 227 4.48 -11.78 27.21
C PRO C 227 4.37 -11.73 28.74
N SER C 228 4.61 -10.57 29.34
CA SER C 228 4.47 -10.45 30.80
C SER C 228 3.29 -9.55 31.18
N ASN C 229 2.46 -9.23 30.20
N ASN C 229 2.45 -9.22 30.20
CA ASN C 229 1.29 -8.37 30.41
CA ASN C 229 1.29 -8.37 30.43
C ASN C 229 1.70 -7.04 31.03
C ASN C 229 1.69 -7.02 31.03
N THR C 230 2.92 -6.61 30.75
CA THR C 230 3.45 -5.35 31.27
C THR C 230 3.02 -4.21 30.34
N LYS C 231 2.47 -3.17 30.94
CA LYS C 231 2.13 -1.95 30.23
C LYS C 231 2.52 -0.75 31.09
N VAL C 232 3.63 -0.11 30.73
CA VAL C 232 4.16 0.98 31.54
C VAL C 232 4.13 2.28 30.76
N ASP C 233 3.74 3.35 31.45
CA ASP C 233 3.87 4.69 30.91
C ASP C 233 4.79 5.47 31.83
N LYS C 234 5.92 5.93 31.32
CA LYS C 234 6.88 6.65 32.14
C LYS C 234 7.08 8.08 31.67
N ARG C 235 6.81 9.02 32.57
CA ARG C 235 6.99 10.43 32.29
C ARG C 235 8.47 10.75 32.33
N VAL C 236 8.95 11.54 31.37
CA VAL C 236 10.37 11.86 31.31
C VAL C 236 10.57 13.37 31.44
N GLU C 237 11.25 13.77 32.50
CA GLU C 237 11.43 15.19 32.78
C GLU C 237 12.89 15.51 33.15
N PRO C 238 13.31 16.74 32.91
CA PRO C 238 14.65 17.23 33.27
C PRO C 238 14.86 17.18 34.78
N LYS C 239 16.07 16.92 35.27
CA LYS C 239 16.28 16.92 36.71
C LYS C 239 16.15 18.35 37.24
N ASP D 1 16.91 -30.63 -2.05
CA ASP D 1 16.51 -29.21 -1.93
C ASP D 1 17.34 -28.34 -2.86
N ILE D 2 16.68 -27.45 -3.59
CA ILE D 2 17.35 -26.53 -4.49
C ILE D 2 17.92 -25.36 -3.71
N GLN D 3 19.20 -25.07 -3.92
CA GLN D 3 19.86 -23.96 -3.26
C GLN D 3 19.91 -22.75 -4.16
N LEU D 4 19.51 -21.61 -3.59
CA LEU D 4 19.63 -20.33 -4.27
C LEU D 4 20.73 -19.53 -3.59
N THR D 5 21.68 -19.08 -4.37
CA THR D 5 22.81 -18.32 -3.84
C THR D 5 22.73 -16.91 -4.35
N GLN D 6 22.65 -15.96 -3.43
CA GLN D 6 22.54 -14.56 -3.81
C GLN D 6 23.86 -13.85 -3.61
N SER D 7 24.23 -13.05 -4.60
CA SER D 7 25.39 -12.21 -4.48
C SER D 7 25.12 -10.82 -5.05
N PRO D 8 25.81 -9.81 -4.53
CA PRO D 8 26.67 -10.02 -3.36
C PRO D 8 25.82 -10.07 -2.10
N SER D 9 26.41 -10.37 -0.95
CA SER D 9 25.65 -10.42 0.29
C SER D 9 25.11 -9.05 0.65
N SER D 10 25.89 -8.02 0.35
CA SER D 10 25.55 -6.65 0.70
C SER D 10 26.07 -5.76 -0.41
N LEU D 11 25.29 -4.77 -0.80
CA LEU D 11 25.72 -3.85 -1.84
C LEU D 11 25.43 -2.40 -1.50
N SER D 12 26.45 -1.57 -1.68
CA SER D 12 26.36 -0.14 -1.41
C SER D 12 26.28 0.58 -2.73
N ALA D 13 25.36 1.54 -2.84
CA ALA D 13 25.22 2.31 -4.06
C ALA D 13 24.61 3.68 -3.77
N SER D 14 24.82 4.61 -4.69
CA SER D 14 24.34 5.97 -4.52
C SER D 14 22.94 6.09 -5.11
N VAL D 15 22.16 7.01 -4.56
CA VAL D 15 20.85 7.32 -5.11
C VAL D 15 20.99 7.66 -6.60
N GLY D 16 20.20 6.98 -7.43
CA GLY D 16 20.25 7.22 -8.86
C GLY D 16 21.03 6.16 -9.62
N ASP D 17 21.82 5.36 -8.90
CA ASP D 17 22.63 4.32 -9.53
C ASP D 17 21.78 3.18 -10.08
N ARG D 18 22.24 2.60 -11.19
N ARG D 18 22.24 2.60 -11.19
CA ARG D 18 21.64 1.37 -11.69
CA ARG D 18 21.64 1.38 -11.70
C ARG D 18 22.25 0.21 -10.93
C ARG D 18 22.24 0.19 -10.96
N VAL D 19 21.38 -0.62 -10.34
CA VAL D 19 21.83 -1.68 -9.45
C VAL D 19 21.38 -3.06 -9.93
N THR D 20 22.30 -4.03 -9.87
CA THR D 20 22.00 -5.39 -10.30
C THR D 20 22.24 -6.40 -9.19
N LEU D 21 21.18 -7.15 -8.87
CA LEU D 21 21.25 -8.22 -7.88
C LEU D 21 21.16 -9.54 -8.62
N THR D 22 21.93 -10.53 -8.20
CA THR D 22 21.97 -11.82 -8.91
C THR D 22 21.53 -12.96 -8.00
N CYS D 23 20.96 -13.98 -8.63
CA CYS D 23 20.54 -15.18 -7.93
C CYS D 23 21.01 -16.35 -8.80
N GLN D 24 21.70 -17.31 -8.20
CA GLN D 24 22.11 -18.49 -8.92
C GLN D 24 21.48 -19.73 -8.27
N ALA D 25 20.79 -20.52 -9.09
CA ALA D 25 20.18 -21.75 -8.59
C ALA D 25 21.09 -22.93 -8.85
N SER D 26 21.03 -23.92 -7.95
CA SER D 26 21.92 -25.07 -8.02
C SER D 26 21.47 -26.04 -9.11
N GLN D 27 20.28 -25.83 -9.64
CA GLN D 27 19.77 -26.63 -10.74
C GLN D 27 18.80 -25.80 -11.59
N ASP D 28 18.53 -26.28 -12.80
CA ASP D 28 17.68 -25.56 -13.74
C ASP D 28 16.26 -25.44 -13.19
N ILE D 29 15.83 -24.21 -12.92
CA ILE D 29 14.47 -23.97 -12.43
C ILE D 29 13.63 -23.21 -13.45
N ARG D 30 14.06 -23.23 -14.71
CA ARG D 30 13.33 -22.56 -15.77
C ARG D 30 13.07 -21.10 -15.37
N LYS D 31 11.81 -20.69 -15.33
CA LYS D 31 11.48 -19.33 -14.92
C LYS D 31 10.64 -19.28 -13.66
N PHE D 32 10.65 -20.37 -12.89
CA PHE D 32 9.85 -20.43 -11.68
C PHE D 32 10.58 -19.76 -10.52
N LEU D 33 10.82 -18.46 -10.68
CA LEU D 33 11.61 -17.71 -9.72
C LEU D 33 10.98 -16.36 -9.42
N ASN D 34 10.87 -16.04 -8.13
CA ASN D 34 10.24 -14.81 -7.69
C ASN D 34 11.21 -13.98 -6.85
N TRP D 35 11.00 -12.66 -6.82
CA TRP D 35 11.83 -11.76 -6.02
C TRP D 35 10.99 -10.99 -5.00
N TYR D 36 11.50 -10.89 -3.77
CA TYR D 36 10.83 -10.15 -2.71
C TYR D 36 11.71 -9.06 -2.11
N GLN D 37 11.06 -8.04 -1.56
CA GLN D 37 11.74 -7.03 -0.76
C GLN D 37 11.22 -7.11 0.68
N GLN D 38 12.15 -7.04 1.62
CA GLN D 38 11.78 -7.01 3.03
C GLN D 38 12.48 -5.87 3.75
N LYS D 39 11.69 -4.99 4.33
CA LYS D 39 12.21 -3.92 5.16
C LYS D 39 12.27 -4.41 6.61
N PRO D 40 13.27 -3.93 7.37
CA PRO D 40 13.51 -4.46 8.72
C PRO D 40 12.24 -4.43 9.59
N GLY D 41 11.94 -5.56 10.22
CA GLY D 41 10.78 -5.65 11.10
C GLY D 41 9.45 -5.70 10.38
N LYS D 42 9.50 -5.83 9.05
CA LYS D 42 8.28 -5.87 8.24
C LYS D 42 8.20 -7.18 7.47
N GLY D 43 7.00 -7.54 7.02
CA GLY D 43 6.83 -8.71 6.20
C GLY D 43 7.32 -8.45 4.80
N PRO D 44 7.70 -9.50 4.07
CA PRO D 44 8.14 -9.36 2.68
C PRO D 44 7.05 -8.79 1.77
N LYS D 45 7.46 -8.21 0.65
CA LYS D 45 6.53 -7.80 -0.39
C LYS D 45 7.01 -8.29 -1.75
N LEU D 46 6.10 -8.83 -2.54
CA LEU D 46 6.43 -9.36 -3.86
C LEU D 46 6.79 -8.23 -4.83
N LEU D 47 7.90 -8.40 -5.55
CA LEU D 47 8.29 -7.44 -6.58
C LEU D 47 8.12 -8.01 -7.98
N ILE D 48 8.68 -9.20 -8.19
CA ILE D 48 8.77 -9.81 -9.51
C ILE D 48 8.31 -11.27 -9.39
N TYR D 49 7.39 -11.69 -10.25
CA TYR D 49 7.03 -13.11 -10.29
C TYR D 49 7.38 -13.75 -11.62
N ASP D 50 7.70 -15.04 -11.58
CA ASP D 50 8.10 -15.79 -12.77
C ASP D 50 9.20 -15.08 -13.55
N ALA D 51 10.24 -14.70 -12.81
CA ALA D 51 11.49 -14.20 -13.38
C ALA D 51 11.46 -12.76 -13.90
N SER D 52 10.42 -12.38 -14.64
CA SER D 52 10.42 -11.08 -15.32
C SER D 52 9.14 -10.25 -15.22
N ASN D 53 8.12 -10.75 -14.51
CA ASN D 53 6.86 -10.02 -14.46
C ASN D 53 6.80 -9.08 -13.26
N LEU D 54 6.59 -7.79 -13.56
CA LEU D 54 6.46 -6.79 -12.52
C LEU D 54 5.09 -6.89 -11.88
N GLN D 55 5.08 -7.12 -10.57
CA GLN D 55 3.83 -7.18 -9.83
C GLN D 55 3.09 -5.84 -9.83
N ARG D 56 1.78 -5.89 -9.98
CA ARG D 56 0.91 -4.71 -9.90
C ARG D 56 1.25 -3.84 -8.69
N GLY D 57 1.45 -2.54 -8.94
CA GLY D 57 1.65 -1.59 -7.86
C GLY D 57 3.11 -1.38 -7.51
N VAL D 58 3.97 -2.28 -7.95
CA VAL D 58 5.40 -2.14 -7.72
C VAL D 58 5.99 -1.13 -8.69
N PRO D 59 6.88 -0.24 -8.20
CA PRO D 59 7.43 0.79 -9.08
C PRO D 59 8.10 0.20 -10.31
N SER D 60 7.96 0.86 -11.44
CA SER D 60 8.48 0.34 -12.71
C SER D 60 10.01 0.32 -12.81
N ARG D 61 10.69 0.97 -11.88
CA ARG D 61 12.16 0.94 -11.88
C ARG D 61 12.70 -0.45 -11.56
N PHE D 62 11.85 -1.33 -11.03
CA PHE D 62 12.24 -2.72 -10.80
C PHE D 62 11.96 -3.58 -12.02
N SER D 63 12.92 -4.41 -12.39
CA SER D 63 12.71 -5.38 -13.44
C SER D 63 13.51 -6.64 -13.13
N GLY D 64 13.06 -7.77 -13.67
CA GLY D 64 13.71 -9.05 -13.43
C GLY D 64 14.00 -9.73 -14.74
N GLY D 65 15.06 -10.53 -14.77
CA GLY D 65 15.43 -11.26 -15.98
C GLY D 65 16.09 -12.58 -15.69
N GLY D 66 16.26 -13.38 -16.74
CA GLY D 66 16.99 -14.63 -16.65
C GLY D 66 16.11 -15.86 -16.67
N SER D 67 16.76 -17.02 -16.71
CA SER D 67 16.08 -18.30 -16.71
C SER D 67 17.12 -19.41 -16.49
N GLY D 68 16.64 -20.61 -16.20
CA GLY D 68 17.54 -21.72 -15.91
C GLY D 68 18.16 -21.61 -14.53
N THR D 69 19.43 -21.24 -14.48
CA THR D 69 20.13 -21.12 -13.19
C THR D 69 20.53 -19.69 -12.84
N ASP D 70 20.48 -18.77 -13.80
CA ASP D 70 20.98 -17.42 -13.58
C ASP D 70 19.90 -16.36 -13.71
N PHE D 71 19.71 -15.58 -12.65
CA PHE D 71 18.66 -14.57 -12.60
C PHE D 71 19.18 -13.25 -12.09
N THR D 72 18.53 -12.17 -12.49
CA THR D 72 18.89 -10.85 -12.03
C THR D 72 17.67 -10.05 -11.65
N LEU D 73 17.82 -9.23 -10.61
CA LEU D 73 16.86 -8.20 -10.29
C LEU D 73 17.56 -6.88 -10.52
N ILE D 74 16.96 -6.01 -11.32
CA ILE D 74 17.59 -4.75 -11.63
C ILE D 74 16.75 -3.59 -11.11
N ILE D 75 17.42 -2.68 -10.42
CA ILE D 75 16.80 -1.43 -10.01
C ILE D 75 17.42 -0.33 -10.85
N SER D 76 16.64 0.23 -11.76
CA SER D 76 17.19 1.10 -12.80
C SER D 76 17.71 2.41 -12.22
N SER D 77 17.10 2.85 -11.12
CA SER D 77 17.52 4.07 -10.45
C SER D 77 17.24 3.97 -8.96
N LEU D 78 18.28 3.69 -8.19
CA LEU D 78 18.11 3.38 -6.77
C LEU D 78 17.55 4.59 -6.04
N GLN D 79 16.54 4.35 -5.22
CA GLN D 79 15.93 5.39 -4.40
C GLN D 79 16.23 5.08 -2.94
N PRO D 80 16.22 6.12 -2.09
CA PRO D 80 16.53 5.92 -0.66
C PRO D 80 15.57 4.93 -0.01
N GLU D 81 14.31 4.93 -0.44
CA GLU D 81 13.32 4.01 0.11
C GLU D 81 13.59 2.55 -0.28
N ASP D 82 14.55 2.34 -1.17
CA ASP D 82 14.94 0.99 -1.58
C ASP D 82 15.81 0.21 -0.60
N VAL D 83 16.30 0.86 0.45
CA VAL D 83 17.12 0.16 1.44
C VAL D 83 16.31 -0.99 2.04
N GLY D 84 16.99 -2.12 2.21
CA GLY D 84 16.37 -3.29 2.82
C GLY D 84 17.04 -4.53 2.26
N THR D 85 16.37 -5.66 2.42
CA THR D 85 16.94 -6.93 1.99
C THR D 85 16.07 -7.53 0.90
N TYR D 86 16.72 -8.10 -0.10
CA TYR D 86 16.02 -8.67 -1.25
C TYR D 86 16.28 -10.17 -1.32
N TYR D 87 15.21 -10.94 -1.50
CA TYR D 87 15.31 -12.39 -1.55
C TYR D 87 14.76 -12.92 -2.86
N CYS D 88 15.43 -13.92 -3.42
CA CYS D 88 14.85 -14.68 -4.52
C CYS D 88 14.24 -15.96 -3.95
N GLN D 89 13.35 -16.57 -4.72
CA GLN D 89 12.60 -17.73 -4.25
C GLN D 89 12.13 -18.58 -5.42
N GLN D 90 12.20 -19.89 -5.22
CA GLN D 90 12.12 -20.87 -6.28
C GLN D 90 10.92 -21.75 -6.02
N TYR D 91 10.14 -22.07 -7.07
CA TYR D 91 9.07 -23.05 -6.90
C TYR D 91 9.00 -24.05 -8.05
N ASP D 92 10.13 -24.32 -8.68
CA ASP D 92 10.24 -25.44 -9.60
C ASP D 92 9.85 -26.73 -8.90
N GLY D 93 10.29 -26.88 -7.65
CA GLY D 93 9.99 -28.06 -6.87
C GLY D 93 10.00 -27.82 -5.38
N LEU D 94 9.17 -28.59 -4.66
CA LEU D 94 9.19 -28.60 -3.20
C LEU D 94 10.48 -29.25 -2.71
N PRO D 95 10.99 -28.80 -1.55
CA PRO D 95 10.44 -27.67 -0.78
C PRO D 95 10.77 -26.34 -1.43
N PHE D 96 9.88 -25.37 -1.33
CA PHE D 96 10.16 -24.03 -1.81
C PHE D 96 11.34 -23.54 -1.01
N THR D 97 12.28 -22.86 -1.66
CA THR D 97 13.44 -22.35 -0.95
C THR D 97 13.74 -20.92 -1.36
N PHE D 98 14.43 -20.20 -0.48
CA PHE D 98 14.78 -18.81 -0.71
C PHE D 98 16.28 -18.66 -0.74
N GLY D 99 16.76 -17.67 -1.49
CA GLY D 99 18.15 -17.29 -1.40
C GLY D 99 18.41 -16.69 -0.03
N GLY D 100 19.68 -16.55 0.33
CA GLY D 100 20.04 -16.02 1.63
C GLY D 100 19.91 -14.52 1.74
N GLY D 101 19.54 -13.86 0.65
CA GLY D 101 19.25 -12.43 0.68
C GLY D 101 20.44 -11.55 0.33
N THR D 102 20.15 -10.42 -0.30
CA THR D 102 21.15 -9.38 -0.55
C THR D 102 20.67 -8.09 0.11
N LYS D 103 21.52 -7.52 0.96
CA LYS D 103 21.19 -6.29 1.66
C LYS D 103 21.62 -5.10 0.81
N VAL D 104 20.71 -4.17 0.58
CA VAL D 104 21.04 -2.95 -0.15
C VAL D 104 21.24 -1.77 0.78
N VAL D 105 22.34 -1.05 0.59
CA VAL D 105 22.75 0.03 1.47
C VAL D 105 22.99 1.28 0.63
N ILE D 106 22.44 2.42 1.05
CA ILE D 106 22.64 3.67 0.32
C ILE D 106 23.95 4.38 0.70
N LYS D 107 24.66 4.87 -0.32
CA LYS D 107 25.79 5.76 -0.10
C LYS D 107 25.30 7.19 -0.26
N ARG D 108 25.62 8.04 0.71
CA ARG D 108 25.22 9.45 0.66
C ARG D 108 26.35 10.32 1.19
N THR D 109 26.10 11.62 1.28
CA THR D 109 27.09 12.55 1.81
C THR D 109 27.28 12.35 3.30
N VAL D 110 28.47 12.68 3.77
CA VAL D 110 28.80 12.65 5.19
C VAL D 110 27.87 13.58 5.97
N ALA D 111 27.52 13.17 7.18
CA ALA D 111 26.68 13.97 8.07
C ALA D 111 27.13 13.74 9.50
N ALA D 112 27.53 14.81 10.17
CA ALA D 112 28.12 14.66 11.48
C ALA D 112 27.04 14.36 12.50
N PRO D 113 27.35 13.50 13.47
CA PRO D 113 26.37 13.16 14.50
C PRO D 113 26.21 14.28 15.51
N SER D 114 25.02 14.42 16.07
CA SER D 114 24.84 15.20 17.28
C SER D 114 24.92 14.22 18.44
N VAL D 115 25.69 14.59 19.47
CA VAL D 115 25.98 13.69 20.59
C VAL D 115 25.31 14.12 21.90
N PHE D 116 24.71 13.17 22.59
CA PHE D 116 24.11 13.43 23.90
C PHE D 116 24.49 12.36 24.92
N ILE D 117 24.64 12.77 26.17
CA ILE D 117 24.91 11.84 27.26
C ILE D 117 23.81 11.91 28.32
N PHE D 118 23.47 10.77 28.89
CA PHE D 118 22.46 10.73 29.94
C PHE D 118 23.04 9.97 31.13
N PRO D 119 22.97 10.58 32.33
CA PRO D 119 23.36 9.85 33.54
C PRO D 119 22.33 8.80 33.91
N PRO D 120 22.69 7.88 34.81
CA PRO D 120 21.68 6.94 35.30
C PRO D 120 20.62 7.67 36.11
N SER D 121 19.37 7.22 36.03
CA SER D 121 18.29 7.83 36.77
C SER D 121 18.37 7.42 38.24
N ASP D 122 17.61 8.10 39.09
CA ASP D 122 17.62 7.81 40.52
C ASP D 122 16.91 6.48 40.81
N GLU D 123 15.85 6.20 40.06
CA GLU D 123 15.10 4.97 40.25
C GLU D 123 15.98 3.75 40.03
N GLN D 124 16.90 3.84 39.09
CA GLN D 124 17.74 2.70 38.71
C GLN D 124 18.82 2.43 39.75
N LEU D 125 19.45 3.50 40.21
CA LEU D 125 20.44 3.41 41.29
C LEU D 125 19.82 2.83 42.55
N LYS D 126 18.60 3.27 42.84
CA LYS D 126 17.83 2.74 43.96
C LYS D 126 17.87 1.20 43.98
N SER D 127 18.21 0.58 42.85
CA SER D 127 18.17 -0.87 42.71
C SER D 127 19.53 -1.51 42.41
N GLY D 128 20.62 -0.78 42.65
CA GLY D 128 21.96 -1.36 42.60
C GLY D 128 22.70 -1.42 41.28
N THR D 129 22.11 -0.92 40.20
CA THR D 129 22.80 -0.92 38.90
C THR D 129 22.79 0.48 38.28
N ALA D 130 23.87 0.83 37.59
CA ALA D 130 23.96 2.12 36.91
C ALA D 130 24.22 1.99 35.42
N SER D 131 23.30 2.52 34.63
CA SER D 131 23.45 2.52 33.17
C SER D 131 23.64 3.95 32.68
N VAL D 132 24.74 4.19 31.99
CA VAL D 132 25.02 5.50 31.42
C VAL D 132 24.90 5.40 29.91
N VAL D 133 24.11 6.29 29.31
CA VAL D 133 23.81 6.19 27.89
C VAL D 133 24.36 7.34 27.07
N CYS D 134 24.90 6.99 25.91
CA CYS D 134 25.40 7.96 24.96
C CYS D 134 24.66 7.78 23.64
N LEU D 135 24.18 8.88 23.08
CA LEU D 135 23.42 8.83 21.84
C LEU D 135 24.14 9.62 20.74
N LEU D 136 24.32 8.97 19.60
CA LEU D 136 24.80 9.66 18.40
C LEU D 136 23.64 9.69 17.43
N ASN D 137 23.16 10.88 17.09
CA ASN D 137 21.94 11.00 16.31
C ASN D 137 22.16 11.40 14.84
N ASN D 138 21.49 10.66 13.97
CA ASN D 138 21.37 11.02 12.55
C ASN D 138 22.67 11.42 11.87
N PHE D 139 23.50 10.43 11.60
CA PHE D 139 24.80 10.65 11.00
C PHE D 139 25.10 9.66 9.88
N TYR D 140 26.13 9.96 9.12
CA TYR D 140 26.61 9.08 8.06
C TYR D 140 28.06 9.45 7.79
N PRO D 141 28.92 8.45 7.57
CA PRO D 141 28.66 7.01 7.49
C PRO D 141 28.50 6.33 8.84
N ARG D 142 28.20 5.04 8.81
CA ARG D 142 27.87 4.29 10.01
C ARG D 142 29.04 4.17 10.98
N GLU D 143 30.25 4.08 10.42
CA GLU D 143 31.43 3.88 11.25
C GLU D 143 31.65 5.07 12.16
N ALA D 144 31.68 4.79 13.45
CA ALA D 144 31.98 5.79 14.47
C ALA D 144 32.73 5.08 15.58
N LYS D 145 33.55 5.83 16.31
CA LYS D 145 34.23 5.27 17.46
C LYS D 145 33.68 6.00 18.67
N VAL D 146 33.21 5.22 19.64
CA VAL D 146 32.68 5.79 20.87
C VAL D 146 33.50 5.24 22.01
N GLN D 147 34.12 6.15 22.75
CA GLN D 147 35.02 5.78 23.83
C GLN D 147 34.49 6.33 25.13
N TRP D 148 34.39 5.46 26.14
CA TRP D 148 33.98 5.90 27.47
C TRP D 148 35.19 6.26 28.32
N LYS D 149 35.04 7.32 29.11
CA LYS D 149 36.07 7.71 30.06
C LYS D 149 35.42 8.05 31.40
N VAL D 150 35.91 7.43 32.47
CA VAL D 150 35.43 7.72 33.81
C VAL D 150 36.57 8.34 34.60
N ASP D 151 36.37 9.57 35.07
CA ASP D 151 37.45 10.34 35.67
C ASP D 151 38.68 10.29 34.76
N ASN D 152 38.44 10.34 33.46
CA ASN D 152 39.50 10.42 32.47
C ASN D 152 40.20 9.07 32.23
N ALA D 153 39.63 8.01 32.80
CA ALA D 153 40.17 6.67 32.61
C ALA D 153 39.39 5.93 31.51
N LEU D 154 40.12 5.44 30.51
CA LEU D 154 39.54 4.83 29.32
C LEU D 154 38.87 3.49 29.64
N GLN D 155 37.56 3.41 29.42
CA GLN D 155 36.80 2.21 29.76
C GLN D 155 36.84 1.20 28.62
N SER D 156 36.71 -0.08 28.97
CA SER D 156 36.55 -1.13 27.96
C SER D 156 35.96 -2.43 28.51
N GLY D 157 35.17 -3.10 27.68
CA GLY D 157 34.58 -4.38 28.03
C GLY D 157 33.26 -4.29 28.78
N ASN D 158 32.90 -3.10 29.20
CA ASN D 158 31.65 -2.89 29.93
C ASN D 158 30.66 -1.95 29.24
N SER D 159 30.66 -1.95 27.91
CA SER D 159 29.68 -1.18 27.16
C SER D 159 29.15 -1.96 25.98
N GLN D 160 27.94 -1.62 25.53
CA GLN D 160 27.35 -2.25 24.37
C GLN D 160 26.75 -1.20 23.46
N GLU D 161 26.94 -1.36 22.16
CA GLU D 161 26.39 -0.40 21.20
C GLU D 161 25.21 -1.02 20.49
N SER D 162 24.27 -0.18 20.08
CA SER D 162 23.21 -0.60 19.19
C SER D 162 23.04 0.46 18.11
N VAL D 163 22.77 0.02 16.90
CA VAL D 163 22.66 0.93 15.77
C VAL D 163 21.33 0.71 15.06
N THR D 164 20.66 1.80 14.70
CA THR D 164 19.41 1.72 13.97
C THR D 164 19.65 1.25 12.53
N GLU D 165 18.60 0.75 11.90
CA GLU D 165 18.64 0.46 10.48
C GLU D 165 18.76 1.77 9.72
N GLN D 166 19.37 1.73 8.54
CA GLN D 166 19.51 2.93 7.73
C GLN D 166 18.14 3.55 7.44
N ASP D 167 18.02 4.85 7.69
CA ASP D 167 16.74 5.55 7.53
C ASP D 167 16.28 5.55 6.08
N SER D 168 15.00 5.26 5.88
CA SER D 168 14.43 5.12 4.54
C SER D 168 14.26 6.46 3.82
N LYS D 169 14.26 7.55 4.57
CA LYS D 169 14.07 8.87 3.97
C LYS D 169 15.39 9.60 3.70
N ASP D 170 16.25 9.69 4.71
CA ASP D 170 17.51 10.41 4.56
C ASP D 170 18.77 9.55 4.67
N SER D 171 18.60 8.24 4.81
CA SER D 171 19.73 7.31 4.72
C SER D 171 20.78 7.48 5.80
N THR D 172 20.39 8.08 6.93
CA THR D 172 21.32 8.22 8.05
C THR D 172 21.10 7.13 9.11
N TYR D 173 22.03 7.07 10.05
CA TYR D 173 21.96 6.12 11.16
C TYR D 173 21.91 6.87 12.48
N SER D 174 21.46 6.17 13.52
CA SER D 174 21.65 6.64 14.89
C SER D 174 22.22 5.50 15.70
N LEU D 175 22.92 5.83 16.77
CA LEU D 175 23.63 4.84 17.56
C LEU D 175 23.54 5.18 19.04
N SER D 176 23.45 4.16 19.87
CA SER D 176 23.52 4.34 21.31
C SER D 176 24.62 3.45 21.85
N SER D 177 25.39 3.98 22.80
CA SER D 177 26.37 3.18 23.51
C SER D 177 25.99 3.22 24.97
N THR D 178 25.86 2.05 25.58
CA THR D 178 25.45 1.98 26.97
C THR D 178 26.56 1.40 27.83
N LEU D 179 27.03 2.21 28.78
CA LEU D 179 28.04 1.80 29.73
C LEU D 179 27.36 1.34 31.01
N THR D 180 27.56 0.08 31.37
CA THR D 180 26.91 -0.49 32.55
C THR D 180 27.94 -0.82 33.62
N LEU D 181 27.70 -0.31 34.82
CA LEU D 181 28.53 -0.64 35.96
C LEU D 181 27.69 -0.67 37.24
N SER D 182 28.20 -1.34 38.26
CA SER D 182 27.46 -1.51 39.51
C SER D 182 27.32 -0.16 40.20
N LYS D 183 26.32 -0.04 41.06
CA LYS D 183 26.09 1.20 41.78
C LYS D 183 27.35 1.59 42.56
N ALA D 184 28.02 0.59 43.13
CA ALA D 184 29.24 0.82 43.89
C ALA D 184 30.27 1.57 43.06
N ASP D 185 30.57 1.06 41.87
CA ASP D 185 31.57 1.67 41.00
C ASP D 185 31.13 3.05 40.53
N TYR D 186 29.87 3.17 40.14
CA TYR D 186 29.35 4.46 39.69
C TYR D 186 29.56 5.54 40.75
N GLU D 187 29.45 5.13 42.01
CA GLU D 187 29.57 6.06 43.12
C GLU D 187 31.01 6.40 43.47
N LYS D 188 31.94 5.49 43.13
CA LYS D 188 33.36 5.76 43.25
C LYS D 188 33.80 7.05 42.53
N HIS D 189 33.48 7.15 41.24
CA HIS D 189 34.03 8.22 40.39
C HIS D 189 33.06 9.38 40.16
N LYS D 190 33.57 10.48 39.58
CA LYS D 190 32.79 11.70 39.44
C LYS D 190 32.52 12.13 37.99
N VAL D 191 33.53 12.09 37.14
CA VAL D 191 33.37 12.60 35.77
C VAL D 191 33.12 11.47 34.78
N TYR D 192 31.98 11.55 34.11
CA TYR D 192 31.61 10.55 33.12
C TYR D 192 31.55 11.16 31.73
N ALA D 193 32.28 10.57 30.79
CA ALA D 193 32.49 11.20 29.49
C ALA D 193 32.36 10.24 28.31
N CYS D 194 31.66 10.71 27.29
CA CYS D 194 31.51 9.99 26.03
C CYS D 194 32.31 10.74 24.99
N GLU D 195 33.33 10.10 24.41
CA GLU D 195 34.12 10.73 23.36
C GLU D 195 33.85 10.09 22.01
N VAL D 196 33.35 10.89 21.07
CA VAL D 196 32.96 10.38 19.75
C VAL D 196 33.92 10.82 18.66
N THR D 197 34.39 9.87 17.87
CA THR D 197 35.24 10.17 16.73
C THR D 197 34.49 9.75 15.46
N HIS D 198 34.47 10.62 14.46
CA HIS D 198 33.67 10.37 13.27
C HIS D 198 34.14 11.24 12.11
N GLN D 199 34.01 10.72 10.89
CA GLN D 199 34.54 11.37 9.69
C GLN D 199 33.99 12.77 9.46
N GLY D 200 32.80 13.05 9.97
CA GLY D 200 32.15 14.33 9.78
C GLY D 200 32.53 15.38 10.82
N LEU D 201 33.38 14.98 11.77
CA LEU D 201 33.87 15.88 12.81
C LEU D 201 35.35 16.20 12.61
N SER D 202 35.71 17.48 12.68
CA SER D 202 37.10 17.87 12.47
C SER D 202 38.00 17.36 13.59
N SER D 203 37.42 17.13 14.76
CA SER D 203 38.13 16.48 15.86
C SER D 203 37.11 15.90 16.82
N PRO D 204 37.54 14.92 17.64
CA PRO D 204 36.63 14.20 18.52
C PRO D 204 35.78 15.12 19.40
N VAL D 205 34.50 14.80 19.54
CA VAL D 205 33.60 15.54 20.40
C VAL D 205 33.40 14.80 21.71
N THR D 206 33.48 15.52 22.82
CA THR D 206 33.25 14.91 24.12
C THR D 206 32.01 15.52 24.80
N LYS D 207 31.14 14.65 25.28
CA LYS D 207 30.04 15.07 26.14
C LYS D 207 30.25 14.40 27.49
N SER D 208 30.09 15.16 28.56
CA SER D 208 30.25 14.60 29.89
C SER D 208 29.30 15.21 30.91
N PHE D 209 29.32 14.66 32.12
CA PHE D 209 28.61 15.23 33.26
C PHE D 209 29.36 14.88 34.54
N ASN D 210 29.08 15.61 35.60
CA ASN D 210 29.65 15.29 36.90
C ASN D 210 28.59 14.60 37.75
N ARG D 211 28.90 13.46 38.33
CA ARG D 211 27.91 12.73 39.10
C ARG D 211 27.33 13.64 40.18
N GLY D 212 26.01 13.74 40.22
CA GLY D 212 25.33 14.56 41.19
C GLY D 212 25.46 16.06 40.93
N GLU D 213 25.42 16.46 39.67
CA GLU D 213 25.51 17.88 39.31
C GLU D 213 24.45 18.27 38.30
C TRS E . -18.57 27.90 7.57
C1 TRS E . -17.83 27.81 8.90
C2 TRS E . -18.05 26.87 6.58
C3 TRS E . -18.45 29.29 6.97
N TRS E . -19.99 27.64 7.84
O1 TRS E . -16.73 28.69 8.94
O2 TRS E . -18.10 25.58 7.13
O3 TRS E . -19.03 29.32 5.69
#